data_7ZD9
#
_entry.id   7ZD9
#
_cell.length_a   121.117
_cell.length_b   196.155
_cell.length_c   81.638
_cell.angle_alpha   90.000
_cell.angle_beta   90.000
_cell.angle_gamma   90.000
#
_symmetry.space_group_name_H-M   'C 2 2 21'
#
loop_
_entity.id
_entity.type
_entity.pdbx_description
1 polymer Adenosylhomocysteinase
2 non-polymer NICOTINAMIDE-ADENINE-DINUCLEOTIDE
3 non-polymer ADENOSINE
4 non-polymer 'CHLORIDE ION'
5 non-polymer 'RUBIDIUM ION'
6 non-polymer GLYCEROL
7 water water
#
_entity_poly.entity_id   1
_entity_poly.type   'polypeptide(L)'
_entity_poly.pdbx_seq_one_letter_code
;MVATPVKQKYDIKDISLAPQGRQRIEWAAREMPVLKQIRERFAQEKPFAGIRLVACCHVTTETANLAIALHAGGADSLLI
ASNPLSTQDDVAACLVADYGIPVYAIKGEDNETYHRHVQIALDHRPNIIIDDGSDVVATLVQERQHQLSDIIGTTEETTT
GIVRLRAMFNDGVLTFPAMNVNDADTKHFYDNRYGTGQSTLDGIIRATNILLAGKTIVVAGYGWCGKGVAMRAKGMGADV
IVTEISPVPAIEAAMDGFRVMPMAEAAHQGDIFITVTGNKHVIRPEHFAVMKDGAIVCNSGHFDIEIDLKSLKEQAKEVK
EVRNFTEQYILPNGKSIIVIGEGRLVNLAAATGHPSAVMDMSFANQALACEHLVKNKGQLEPGMHSIPVEVDQEIARLKL
QAMGIAIDSLTPEQVEYINSWASGT
;
_entity_poly.pdbx_strand_id   A,C
#
loop_
_chem_comp.id
_chem_comp.type
_chem_comp.name
_chem_comp.formula
ADN non-polymer ADENOSINE 'C10 H13 N5 O4'
CL non-polymer 'CHLORIDE ION' 'Cl -1'
GOL non-polymer GLYCEROL 'C3 H8 O3'
NAD non-polymer NICOTINAMIDE-ADENINE-DINUCLEOTIDE 'C21 H27 N7 O14 P2'
RB non-polymer 'RUBIDIUM ION' 'Rb 1'
#
# COMPACT_ATOMS: atom_id res chain seq x y z
N LYS A 9 26.68 18.04 -18.51
CA LYS A 9 25.24 18.17 -18.69
C LYS A 9 24.48 17.16 -17.82
N TYR A 10 23.34 16.70 -18.34
CA TYR A 10 22.41 15.83 -17.63
C TYR A 10 21.40 15.36 -18.67
N ASP A 11 20.56 14.41 -18.28
CA ASP A 11 19.53 13.89 -19.20
C ASP A 11 18.35 13.47 -18.34
N ILE A 12 17.35 14.34 -18.21
CA ILE A 12 16.22 14.11 -17.33
C ILE A 12 14.92 14.47 -18.06
N LYS A 13 13.79 14.11 -17.45
CA LYS A 13 12.51 14.34 -18.09
C LYS A 13 12.11 15.82 -18.08
N ASP A 14 12.18 16.48 -16.92
CA ASP A 14 11.57 17.80 -16.81
C ASP A 14 12.10 18.51 -15.56
N ILE A 15 12.93 19.53 -15.77
CA ILE A 15 13.55 20.23 -14.64
C ILE A 15 12.52 20.99 -13.81
N SER A 16 11.35 21.30 -14.38
CA SER A 16 10.34 22.01 -13.62
C SER A 16 9.77 21.18 -12.47
N LEU A 17 10.04 19.88 -12.43
CA LEU A 17 9.60 19.02 -11.32
C LEU A 17 10.44 19.20 -10.06
N ALA A 18 11.50 20.00 -10.11
CA ALA A 18 12.42 20.10 -8.98
C ALA A 18 11.76 20.50 -7.68
N PRO A 19 10.85 21.48 -7.62
CA PRO A 19 10.23 21.80 -6.32
C PRO A 19 9.55 20.61 -5.67
N GLN A 20 8.79 19.83 -6.43
CA GLN A 20 8.15 18.65 -5.86
C GLN A 20 9.21 17.63 -5.43
N GLY A 21 10.24 17.45 -6.23
CA GLY A 21 11.31 16.55 -5.84
C GLY A 21 11.94 16.96 -4.52
N ARG A 22 12.31 18.24 -4.41
CA ARG A 22 12.90 18.76 -3.17
C ARG A 22 12.01 18.46 -1.98
N GLN A 23 10.71 18.74 -2.10
CA GLN A 23 9.79 18.48 -1.00
C GLN A 23 9.82 17.01 -0.60
N ARG A 24 9.80 16.12 -1.59
CA ARG A 24 9.75 14.68 -1.30
C ARG A 24 11.08 14.18 -0.75
N ILE A 25 12.20 14.76 -1.20
CA ILE A 25 13.50 14.40 -0.65
C ILE A 25 13.59 14.79 0.83
N GLU A 26 13.11 15.99 1.17
CA GLU A 26 13.13 16.43 2.56
C GLU A 26 12.21 15.55 3.42
N TRP A 27 11.07 15.13 2.87
CA TRP A 27 10.18 14.27 3.65
C TRP A 27 10.85 12.94 3.95
N ALA A 28 11.49 12.32 2.95
CA ALA A 28 12.14 11.04 3.17
C ALA A 28 13.27 11.15 4.18
N ALA A 29 13.94 12.30 4.23
CA ALA A 29 15.06 12.47 5.16
C ALA A 29 14.62 12.41 6.61
N ARG A 30 13.31 12.53 6.87
CA ARG A 30 12.87 12.51 8.26
C ARG A 30 13.20 11.20 8.93
N GLU A 31 13.20 10.08 8.18
CA GLU A 31 13.56 8.79 8.75
C GLU A 31 14.90 8.30 8.23
N MET A 32 15.79 9.22 7.86
CA MET A 32 17.17 8.89 7.53
C MET A 32 18.14 9.62 8.46
N PRO A 33 17.97 9.49 9.79
CA PRO A 33 18.83 10.25 10.71
C PRO A 33 20.26 9.76 10.76
N VAL A 34 20.52 8.48 10.47
CA VAL A 34 21.89 8.02 10.52
C VAL A 34 22.69 8.59 9.36
N LEU A 35 22.10 8.58 8.16
CA LEU A 35 22.75 9.17 7.01
C LEU A 35 22.91 10.69 7.16
N LYS A 36 21.95 11.33 7.84
CA LYS A 36 22.10 12.75 8.12
C LYS A 36 23.34 13.01 8.96
N GLN A 37 23.52 12.24 10.04
CA GLN A 37 24.71 12.37 10.87
CA GLN A 37 24.70 12.38 10.88
C GLN A 37 25.98 12.20 10.05
N ILE A 38 25.97 11.23 9.15
CA ILE A 38 27.14 10.97 8.30
C ILE A 38 27.39 12.15 7.37
N ARG A 39 26.33 12.67 6.74
CA ARG A 39 26.46 13.85 5.89
C ARG A 39 27.08 15.02 6.66
N GLU A 40 26.63 15.26 7.89
CA GLU A 40 27.16 16.38 8.65
C GLU A 40 28.64 16.22 8.93
N ARG A 41 29.08 14.99 9.22
CA ARG A 41 30.51 14.79 9.39
C ARG A 41 31.25 14.96 8.06
N PHE A 42 30.70 14.39 6.98
CA PHE A 42 31.29 14.54 5.65
C PHE A 42 31.44 16.01 5.28
N ALA A 43 30.44 16.82 5.62
CA ALA A 43 30.53 18.25 5.32
C ALA A 43 31.75 18.87 5.98
N GLN A 44 32.12 18.37 7.16
CA GLN A 44 33.28 18.91 7.88
C GLN A 44 34.59 18.33 7.38
N GLU A 45 34.63 17.02 7.14
CA GLU A 45 35.90 16.35 6.89
C GLU A 45 36.23 16.20 5.41
N LYS A 46 35.23 16.35 4.53
CA LYS A 46 35.43 16.30 3.09
C LYS A 46 36.26 15.08 2.66
N PRO A 47 35.81 13.87 2.97
CA PRO A 47 36.64 12.70 2.65
C PRO A 47 36.78 12.46 1.16
N PHE A 48 35.89 13.00 0.33
CA PHE A 48 35.90 12.72 -1.11
C PHE A 48 36.43 13.88 -1.94
N ALA A 49 37.12 14.83 -1.32
CA ALA A 49 37.70 15.95 -2.06
C ALA A 49 38.62 15.44 -3.17
N GLY A 50 38.40 15.92 -4.38
CA GLY A 50 39.17 15.48 -5.53
C GLY A 50 38.76 14.15 -6.13
N ILE A 51 37.76 13.47 -5.57
CA ILE A 51 37.34 12.15 -6.02
C ILE A 51 36.20 12.30 -7.02
N ARG A 52 36.27 11.57 -8.13
CA ARG A 52 35.14 11.47 -9.05
C ARG A 52 34.39 10.19 -8.78
N LEU A 53 33.07 10.27 -8.77
CA LEU A 53 32.24 9.14 -8.35
C LEU A 53 31.09 8.96 -9.31
N VAL A 54 30.77 7.70 -9.61
CA VAL A 54 29.58 7.35 -10.39
C VAL A 54 28.69 6.52 -9.49
N ALA A 55 27.39 6.84 -9.47
CA ALA A 55 26.41 6.03 -8.78
C ALA A 55 25.40 5.52 -9.79
N CYS A 56 25.20 4.21 -9.81
CA CYS A 56 24.14 3.57 -10.57
C CYS A 56 23.18 3.00 -9.54
N CYS A 57 22.10 3.74 -9.27
CA CYS A 57 21.15 3.40 -8.22
C CYS A 57 19.75 3.70 -8.72
N HIS A 58 18.76 3.21 -8.00
CA HIS A 58 17.39 3.63 -8.28
C HIS A 58 17.25 5.11 -7.91
N VAL A 59 16.76 5.91 -8.84
CA VAL A 59 16.78 7.36 -8.64
C VAL A 59 15.54 7.74 -7.83
N THR A 60 15.66 7.62 -6.50
CA THR A 60 14.57 7.80 -5.56
C THR A 60 14.91 8.89 -4.57
N THR A 61 13.92 9.27 -3.76
CA THR A 61 14.18 10.24 -2.69
C THR A 61 15.25 9.74 -1.73
N GLU A 62 15.40 8.43 -1.58
CA GLU A 62 16.41 7.87 -0.70
C GLU A 62 17.79 7.98 -1.31
N THR A 63 17.90 7.62 -2.59
CA THR A 63 19.17 7.81 -3.30
C THR A 63 19.58 9.28 -3.30
N ALA A 64 18.61 10.19 -3.41
CA ALA A 64 18.95 11.61 -3.40
C ALA A 64 19.65 12.01 -2.10
N ASN A 65 19.15 11.50 -0.98
CA ASN A 65 19.77 11.81 0.31
C ASN A 65 21.19 11.24 0.39
N LEU A 66 21.42 10.07 -0.20
CA LEU A 66 22.78 9.55 -0.28
C LEU A 66 23.65 10.45 -1.14
N ALA A 67 23.14 10.84 -2.32
CA ALA A 67 23.90 11.68 -3.24
C ALA A 67 24.24 13.02 -2.59
N ILE A 68 23.31 13.57 -1.82
CA ILE A 68 23.55 14.82 -1.12
C ILE A 68 24.64 14.63 -0.06
N ALA A 69 24.67 13.46 0.59
CA ALA A 69 25.74 13.22 1.58
C ALA A 69 27.09 13.09 0.91
N LEU A 70 27.16 12.38 -0.23
CA LEU A 70 28.40 12.31 -0.98
C LEU A 70 28.83 13.69 -1.47
N HIS A 71 27.87 14.51 -1.93
CA HIS A 71 28.16 15.87 -2.35
C HIS A 71 28.73 16.69 -1.21
N ALA A 72 28.10 16.61 -0.03
CA ALA A 72 28.63 17.30 1.14
C ALA A 72 30.07 16.92 1.43
N GLY A 73 30.44 15.66 1.16
CA GLY A 73 31.77 15.18 1.37
C GLY A 73 32.77 15.56 0.30
N GLY A 74 32.35 16.30 -0.72
CA GLY A 74 33.24 16.80 -1.76
C GLY A 74 33.29 15.95 -3.03
N ALA A 75 32.50 14.89 -3.11
CA ALA A 75 32.53 14.00 -4.27
C ALA A 75 31.99 14.71 -5.51
N ASP A 76 32.70 14.57 -6.62
CA ASP A 76 32.23 15.00 -7.94
C ASP A 76 31.49 13.83 -8.56
N SER A 77 30.19 13.76 -8.29
CA SER A 77 29.39 12.58 -8.58
C SER A 77 28.56 12.76 -9.84
N LEU A 78 28.25 11.62 -10.46
CA LEU A 78 27.33 11.55 -11.58
C LEU A 78 26.42 10.35 -11.31
N LEU A 79 25.12 10.54 -11.45
CA LEU A 79 24.14 9.52 -11.09
C LEU A 79 23.39 9.09 -12.34
N ILE A 80 23.21 7.76 -12.50
CA ILE A 80 22.43 7.18 -13.57
C ILE A 80 21.45 6.17 -12.97
N ALA A 81 20.41 5.85 -13.73
CA ALA A 81 19.36 4.97 -13.21
C ALA A 81 19.83 3.52 -13.19
N SER A 82 19.41 2.79 -12.15
CA SER A 82 19.65 1.36 -12.05
C SER A 82 18.60 0.54 -12.79
N ASN A 83 17.47 1.15 -13.11
CA ASN A 83 16.37 0.48 -13.78
C ASN A 83 15.51 1.53 -14.45
N PRO A 84 15.15 1.35 -15.73
CA PRO A 84 14.39 2.40 -16.43
C PRO A 84 13.08 2.75 -15.76
N LEU A 85 12.48 1.83 -14.99
CA LEU A 85 11.14 2.06 -14.45
C LEU A 85 11.13 2.52 -13.00
N SER A 86 12.26 2.51 -12.31
CA SER A 86 12.27 2.92 -10.92
C SER A 86 12.56 4.41 -10.75
N THR A 87 12.92 5.10 -11.82
CA THR A 87 13.34 6.50 -11.70
C THR A 87 12.17 7.39 -11.28
N GLN A 88 12.46 8.30 -10.36
CA GLN A 88 11.51 9.32 -9.94
C GLN A 88 11.95 10.64 -10.58
N ASP A 89 11.19 11.10 -11.57
CA ASP A 89 11.62 12.23 -12.38
C ASP A 89 11.74 13.51 -11.55
N ASP A 90 10.89 13.68 -10.55
CA ASP A 90 10.99 14.87 -9.71
C ASP A 90 12.28 14.86 -8.90
N VAL A 91 12.72 13.68 -8.44
CA VAL A 91 14.01 13.57 -7.75
C VAL A 91 15.14 13.96 -8.69
N ALA A 92 15.12 13.41 -9.91
CA ALA A 92 16.17 13.74 -10.88
C ALA A 92 16.24 15.24 -11.12
N ALA A 93 15.09 15.89 -11.24
CA ALA A 93 15.08 17.34 -11.49
C ALA A 93 15.67 18.12 -10.31
N CYS A 94 15.35 17.70 -9.08
CA CYS A 94 15.88 18.41 -7.91
C CYS A 94 17.39 18.27 -7.78
N LEU A 95 17.93 17.08 -8.05
CA LEU A 95 19.36 16.89 -7.92
C LEU A 95 20.11 17.76 -8.92
N VAL A 96 19.60 17.87 -10.14
CA VAL A 96 20.21 18.76 -11.15
C VAL A 96 20.02 20.22 -10.74
N ALA A 97 18.78 20.63 -10.47
CA ALA A 97 18.51 22.06 -10.33
C ALA A 97 19.05 22.63 -9.02
N ASP A 98 18.84 21.91 -7.91
CA ASP A 98 19.18 22.40 -6.57
C ASP A 98 20.60 22.10 -6.14
N TYR A 99 21.16 20.95 -6.54
CA TYR A 99 22.49 20.56 -6.10
C TYR A 99 23.51 20.61 -7.21
N GLY A 100 23.10 20.83 -8.46
CA GLY A 100 24.02 20.79 -9.56
C GLY A 100 24.66 19.44 -9.81
N ILE A 101 24.02 18.37 -9.37
CA ILE A 101 24.56 17.02 -9.55
C ILE A 101 24.07 16.48 -10.89
N PRO A 102 24.97 16.09 -11.79
CA PRO A 102 24.54 15.51 -13.06
C PRO A 102 23.76 14.22 -12.84
N VAL A 103 22.55 14.18 -13.40
CA VAL A 103 21.72 12.99 -13.38
C VAL A 103 21.38 12.61 -14.81
N TYR A 104 21.59 11.33 -15.15
CA TYR A 104 21.16 10.78 -16.44
C TYR A 104 20.15 9.69 -16.12
N ALA A 105 18.87 10.02 -16.18
CA ALA A 105 17.82 9.12 -15.72
C ALA A 105 16.45 9.68 -16.10
N ILE A 106 15.73 8.95 -16.95
CA ILE A 106 14.37 9.30 -17.36
C ILE A 106 13.50 8.09 -17.09
N LYS A 107 12.45 8.27 -16.30
CA LYS A 107 11.54 7.16 -16.04
C LYS A 107 10.96 6.66 -17.36
N GLY A 108 11.04 5.34 -17.57
CA GLY A 108 10.54 4.74 -18.80
C GLY A 108 11.48 4.84 -19.99
N GLU A 109 12.72 5.27 -19.80
CA GLU A 109 13.67 5.35 -20.91
C GLU A 109 13.84 3.98 -21.56
N ASP A 110 14.15 3.96 -22.86
CA ASP A 110 14.36 2.68 -23.52
C ASP A 110 15.74 2.12 -23.20
N ASN A 111 15.99 0.91 -23.70
CA ASN A 111 17.22 0.20 -23.40
C ASN A 111 18.43 0.93 -23.96
N GLU A 112 18.30 1.48 -25.17
CA GLU A 112 19.41 2.20 -25.78
C GLU A 112 19.80 3.42 -24.94
N THR A 113 18.81 4.10 -24.35
CA THR A 113 19.12 5.27 -23.54
C THR A 113 19.85 4.86 -22.26
N TYR A 114 19.37 3.80 -21.59
CA TYR A 114 20.07 3.27 -20.43
C TYR A 114 21.53 2.95 -20.75
N HIS A 115 21.77 2.28 -21.87
CA HIS A 115 23.14 1.91 -22.24
C HIS A 115 23.99 3.13 -22.49
N ARG A 116 23.43 4.11 -23.21
CA ARG A 116 24.14 5.36 -23.44
C ARG A 116 24.49 6.05 -22.13
N HIS A 117 23.57 6.04 -21.16
CA HIS A 117 23.86 6.62 -19.86
C HIS A 117 25.03 5.91 -19.18
N VAL A 118 25.10 4.58 -19.27
CA VAL A 118 26.24 3.87 -18.69
C VAL A 118 27.54 4.33 -19.34
N GLN A 119 27.55 4.48 -20.67
CA GLN A 119 28.74 4.96 -21.37
C GLN A 119 29.12 6.37 -20.93
N ILE A 120 28.13 7.27 -20.82
CA ILE A 120 28.42 8.61 -20.32
C ILE A 120 28.99 8.54 -18.90
N ALA A 121 28.43 7.66 -18.07
CA ALA A 121 28.95 7.52 -16.71
C ALA A 121 30.40 7.05 -16.71
N LEU A 122 30.73 6.06 -17.53
CA LEU A 122 32.12 5.63 -17.58
C LEU A 122 33.02 6.73 -18.15
N ASP A 123 32.49 7.58 -19.04
CA ASP A 123 33.25 8.71 -19.55
C ASP A 123 33.57 9.75 -18.47
N HIS A 124 32.85 9.72 -17.34
CA HIS A 124 33.20 10.55 -16.19
C HIS A 124 34.51 10.12 -15.54
N ARG A 125 35.05 8.95 -15.92
CA ARG A 125 36.29 8.40 -15.39
C ARG A 125 36.23 8.29 -13.87
N PRO A 126 35.23 7.61 -13.32
CA PRO A 126 35.06 7.58 -11.86
C PRO A 126 36.26 6.96 -11.16
N ASN A 127 36.54 7.46 -9.96
CA ASN A 127 37.45 6.78 -9.04
C ASN A 127 36.71 5.78 -8.16
N ILE A 128 35.45 6.07 -7.84
CA ILE A 128 34.58 5.22 -7.04
C ILE A 128 33.32 4.96 -7.87
N ILE A 129 32.87 3.71 -7.93
CA ILE A 129 31.59 3.38 -8.53
C ILE A 129 30.72 2.74 -7.46
N ILE A 130 29.57 3.35 -7.21
CA ILE A 130 28.50 2.73 -6.43
C ILE A 130 27.57 2.07 -7.43
N ASP A 131 27.41 0.75 -7.33
CA ASP A 131 26.55 0.04 -8.26
C ASP A 131 25.44 -0.70 -7.54
N ASP A 132 24.33 -0.85 -8.25
CA ASP A 132 23.16 -1.57 -7.77
C ASP A 132 22.82 -2.56 -8.89
N GLY A 133 23.32 -3.81 -8.75
CA GLY A 133 23.16 -4.83 -9.77
C GLY A 133 24.39 -5.09 -10.61
N SER A 134 25.43 -4.26 -10.48
CA SER A 134 26.77 -4.48 -11.06
C SER A 134 26.86 -4.24 -12.58
N ASP A 135 25.88 -3.59 -13.21
CA ASP A 135 25.97 -3.34 -14.65
C ASP A 135 27.16 -2.46 -15.01
N VAL A 136 27.41 -1.42 -14.21
CA VAL A 136 28.45 -0.46 -14.57
C VAL A 136 29.83 -1.06 -14.33
N VAL A 137 29.98 -1.80 -13.24
CA VAL A 137 31.25 -2.47 -12.96
C VAL A 137 31.54 -3.52 -14.03
N ALA A 138 30.52 -4.28 -14.46
CA ALA A 138 30.72 -5.26 -15.52
C ALA A 138 31.08 -4.59 -16.84
N THR A 139 30.45 -3.46 -17.16
CA THR A 139 30.76 -2.77 -18.40
C THR A 139 32.18 -2.18 -18.35
N LEU A 140 32.57 -1.70 -17.17
CA LEU A 140 33.93 -1.20 -16.98
C LEU A 140 34.94 -2.29 -17.26
N VAL A 141 34.73 -3.47 -16.69
CA VAL A 141 35.71 -4.55 -16.80
C VAL A 141 35.70 -5.16 -18.19
N GLN A 142 34.56 -5.15 -18.86
CA GLN A 142 34.51 -5.72 -20.21
C GLN A 142 35.05 -4.76 -21.25
N GLU A 143 34.67 -3.47 -21.15
CA GLU A 143 34.90 -2.51 -22.21
C GLU A 143 35.98 -1.48 -21.91
N ARG A 144 36.32 -1.26 -20.64
CA ARG A 144 37.20 -0.14 -20.24
C ARG A 144 38.37 -0.64 -19.40
N GLN A 145 39.01 -1.74 -19.82
CA GLN A 145 40.21 -2.20 -19.14
C GLN A 145 41.25 -1.09 -19.03
N HIS A 146 41.28 -0.18 -20.01
CA HIS A 146 42.25 0.89 -20.02
C HIS A 146 41.99 1.96 -18.96
N GLN A 147 40.82 1.96 -18.30
CA GLN A 147 40.50 2.90 -17.22
C GLN A 147 40.74 2.35 -15.83
N LEU A 148 41.14 1.08 -15.69
CA LEU A 148 41.16 0.46 -14.37
C LEU A 148 42.09 1.20 -13.41
N SER A 149 43.13 1.83 -13.93
CA SER A 149 44.02 2.59 -13.06
C SER A 149 43.31 3.77 -12.38
N ASP A 150 42.15 4.20 -12.89
CA ASP A 150 41.35 5.21 -12.19
C ASP A 150 40.75 4.68 -10.89
N ILE A 151 40.54 3.37 -10.78
CA ILE A 151 39.59 2.85 -9.80
C ILE A 151 40.25 2.74 -8.43
N ILE A 152 39.72 3.48 -7.46
CA ILE A 152 40.06 3.24 -6.05
C ILE A 152 39.30 2.02 -5.54
N GLY A 153 38.05 1.87 -5.95
CA GLY A 153 37.25 0.73 -5.57
C GLY A 153 35.81 0.96 -5.94
N THR A 154 35.00 -0.09 -5.77
CA THR A 154 33.58 -0.02 -6.05
C THR A 154 32.80 -0.57 -4.86
N THR A 155 31.48 -0.39 -4.90
CA THR A 155 30.56 -0.93 -3.91
C THR A 155 29.40 -1.58 -4.64
N GLU A 156 28.72 -2.52 -3.98
CA GLU A 156 27.57 -3.19 -4.61
C GLU A 156 26.45 -3.30 -3.61
N GLU A 157 25.27 -2.83 -4.03
CA GLU A 157 24.13 -2.66 -3.15
C GLU A 157 23.29 -3.93 -2.99
N THR A 158 23.20 -4.80 -3.99
CA THR A 158 22.18 -5.83 -3.90
C THR A 158 22.71 -7.22 -4.17
N THR A 159 21.89 -8.22 -3.80
CA THR A 159 22.33 -9.62 -3.83
C THR A 159 22.70 -10.07 -5.24
N THR A 160 21.90 -9.69 -6.24
CA THR A 160 22.23 -10.03 -7.63
C THR A 160 23.62 -9.52 -8.01
N GLY A 161 23.94 -8.28 -7.62
CA GLY A 161 25.26 -7.74 -7.93
C GLY A 161 26.39 -8.51 -7.26
N ILE A 162 26.19 -8.94 -6.01
CA ILE A 162 27.20 -9.74 -5.32
C ILE A 162 27.47 -11.03 -6.08
N VAL A 163 26.42 -11.69 -6.56
CA VAL A 163 26.61 -12.93 -7.32
C VAL A 163 27.41 -12.65 -8.59
N ARG A 164 27.14 -11.51 -9.24
CA ARG A 164 27.91 -11.14 -10.43
C ARG A 164 29.38 -10.89 -10.08
N LEU A 165 29.61 -10.13 -8.99
CA LEU A 165 30.97 -9.90 -8.54
C LEU A 165 31.70 -11.20 -8.23
N ARG A 166 30.98 -12.17 -7.63
CA ARG A 166 31.59 -13.47 -7.36
C ARG A 166 32.05 -14.14 -8.65
N ALA A 167 31.20 -14.12 -9.67
CA ALA A 167 31.58 -14.72 -10.95
C ALA A 167 32.77 -13.98 -11.57
N MET A 168 32.78 -12.64 -11.45
CA MET A 168 33.93 -11.87 -11.92
C MET A 168 35.20 -12.32 -11.21
N PHE A 169 35.12 -12.48 -9.89
CA PHE A 169 36.29 -12.91 -9.13
C PHE A 169 36.76 -14.29 -9.56
N ASN A 170 35.84 -15.24 -9.68
CA ASN A 170 36.20 -16.59 -10.13
C ASN A 170 36.71 -16.60 -11.56
N ASP A 171 36.37 -15.58 -12.33
CA ASP A 171 36.84 -15.46 -13.71
C ASP A 171 38.18 -14.73 -13.79
N GLY A 172 38.72 -14.30 -12.66
CA GLY A 172 40.00 -13.63 -12.64
C GLY A 172 39.99 -12.16 -12.99
N VAL A 173 38.83 -11.51 -13.11
CA VAL A 173 38.78 -10.15 -13.62
C VAL A 173 38.33 -9.14 -12.57
N LEU A 174 38.26 -9.52 -11.29
CA LEU A 174 37.92 -8.55 -10.24
C LEU A 174 39.22 -8.05 -9.63
N THR A 175 39.82 -7.07 -10.30
CA THR A 175 41.21 -6.69 -10.06
C THR A 175 41.33 -5.41 -9.22
N PHE A 176 40.28 -5.06 -8.49
CA PHE A 176 40.23 -3.86 -7.64
C PHE A 176 39.34 -4.20 -6.46
N PRO A 177 39.37 -3.39 -5.39
CA PRO A 177 38.51 -3.68 -4.23
C PRO A 177 37.06 -3.37 -4.53
N ALA A 178 36.16 -4.29 -4.12
CA ALA A 178 34.72 -4.10 -4.25
C ALA A 178 34.06 -4.39 -2.90
N MET A 179 33.34 -3.40 -2.36
CA MET A 179 32.73 -3.52 -1.04
C MET A 179 31.37 -4.21 -1.15
N ASN A 180 31.17 -5.23 -0.33
CA ASN A 180 29.90 -5.99 -0.31
C ASN A 180 28.95 -5.29 0.65
N VAL A 181 28.22 -4.29 0.14
CA VAL A 181 27.28 -3.56 0.97
C VAL A 181 26.06 -4.43 1.28
N ASN A 182 25.55 -5.16 0.29
CA ASN A 182 24.34 -5.97 0.47
C ASN A 182 24.41 -6.86 1.70
N ASP A 183 25.55 -7.51 1.92
CA ASP A 183 25.66 -8.51 2.98
C ASP A 183 26.00 -7.94 4.35
N ALA A 184 26.11 -6.61 4.50
CA ALA A 184 26.22 -6.05 5.84
C ALA A 184 24.97 -6.43 6.63
N ASP A 185 25.16 -6.73 7.92
CA ASP A 185 24.01 -7.05 8.76
C ASP A 185 22.95 -5.95 8.69
N THR A 186 23.39 -4.69 8.80
CA THR A 186 22.44 -3.57 8.77
C THR A 186 21.95 -3.26 7.37
N LYS A 187 22.33 -4.06 6.38
CA LYS A 187 21.69 -3.95 5.09
C LYS A 187 20.72 -5.12 4.92
N HIS A 188 21.20 -6.34 4.64
CA HIS A 188 20.21 -7.33 4.22
C HIS A 188 19.34 -7.89 5.34
N PHE A 189 19.67 -7.69 6.64
CA PHE A 189 18.71 -8.09 7.67
C PHE A 189 17.46 -7.21 7.70
N TYR A 190 17.52 -6.01 7.13
CA TYR A 190 16.38 -5.09 7.26
C TYR A 190 15.85 -4.67 5.91
N ASP A 191 16.70 -4.03 5.09
CA ASP A 191 16.35 -3.69 3.71
C ASP A 191 15.74 -4.89 3.00
N ASN A 192 16.52 -5.98 2.84
CA ASN A 192 16.05 -7.08 2.00
C ASN A 192 14.82 -7.76 2.57
N ARG A 193 14.69 -7.81 3.90
CA ARG A 193 13.58 -8.52 4.54
C ARG A 193 12.38 -7.60 4.77
N TYR A 194 12.51 -6.66 5.73
CA TYR A 194 11.36 -5.83 6.12
C TYR A 194 11.01 -4.81 5.04
N GLY A 195 12.00 -4.27 4.34
CA GLY A 195 11.69 -3.28 3.30
C GLY A 195 10.98 -3.92 2.12
N THR A 196 11.55 -5.00 1.59
CA THR A 196 10.94 -5.69 0.46
C THR A 196 9.58 -6.26 0.84
N GLY A 197 9.46 -6.77 2.07
CA GLY A 197 8.19 -7.32 2.50
C GLY A 197 7.06 -6.32 2.41
N GLN A 198 7.29 -5.09 2.89
CA GLN A 198 6.24 -4.08 2.80
C GLN A 198 6.14 -3.50 1.40
N SER A 199 7.26 -3.14 0.78
CA SER A 199 7.15 -2.38 -0.45
C SER A 199 6.73 -3.24 -1.64
N THR A 200 7.02 -4.55 -1.63
CA THR A 200 6.51 -5.42 -2.70
C THR A 200 4.98 -5.46 -2.69
N LEU A 201 4.38 -5.65 -1.51
CA LEU A 201 2.92 -5.63 -1.42
C LEU A 201 2.37 -4.26 -1.80
N ASP A 202 3.06 -3.20 -1.35
CA ASP A 202 2.71 -1.83 -1.74
C ASP A 202 2.59 -1.71 -3.26
N GLY A 203 3.64 -2.10 -3.98
CA GLY A 203 3.59 -2.02 -5.44
C GLY A 203 2.44 -2.81 -6.04
N ILE A 204 2.22 -4.03 -5.55
CA ILE A 204 1.13 -4.85 -6.08
C ILE A 204 -0.20 -4.15 -5.87
N ILE A 205 -0.41 -3.59 -4.68
CA ILE A 205 -1.69 -2.97 -4.36
C ILE A 205 -1.87 -1.66 -5.12
N ARG A 206 -0.81 -0.85 -5.25
CA ARG A 206 -0.95 0.39 -6.01
C ARG A 206 -1.31 0.09 -7.46
N ALA A 207 -0.75 -0.98 -8.01
CA ALA A 207 -1.00 -1.32 -9.41
C ALA A 207 -2.41 -1.88 -9.60
N THR A 208 -2.88 -2.71 -8.68
CA THR A 208 -4.07 -3.52 -8.93
C THR A 208 -5.23 -3.28 -7.97
N ASN A 209 -4.98 -2.71 -6.79
CA ASN A 209 -6.00 -2.51 -5.76
C ASN A 209 -6.58 -3.82 -5.24
N ILE A 210 -5.91 -4.95 -5.50
CA ILE A 210 -6.47 -6.25 -5.17
C ILE A 210 -6.52 -6.45 -3.66
N LEU A 211 -7.57 -7.09 -3.16
CA LEU A 211 -7.58 -7.58 -1.79
C LEU A 211 -6.62 -8.77 -1.65
N LEU A 212 -5.64 -8.65 -0.76
CA LEU A 212 -4.70 -9.75 -0.58
C LEU A 212 -5.30 -10.87 0.25
N ALA A 213 -6.18 -10.53 1.20
CA ALA A 213 -6.75 -11.53 2.07
C ALA A 213 -7.56 -12.54 1.26
N GLY A 214 -7.34 -13.82 1.53
CA GLY A 214 -8.05 -14.88 0.83
C GLY A 214 -7.45 -15.27 -0.50
N LYS A 215 -6.42 -14.57 -0.97
CA LYS A 215 -5.72 -14.97 -2.18
C LYS A 215 -4.62 -15.96 -1.81
N THR A 216 -4.28 -16.82 -2.78
CA THR A 216 -3.09 -17.67 -2.66
C THR A 216 -1.93 -16.95 -3.31
N ILE A 217 -0.87 -16.70 -2.56
CA ILE A 217 0.28 -15.97 -3.07
C ILE A 217 1.48 -16.92 -3.06
N VAL A 218 2.12 -17.05 -4.20
CA VAL A 218 3.27 -17.93 -4.38
C VAL A 218 4.51 -17.07 -4.33
N VAL A 219 5.41 -17.36 -3.40
CA VAL A 219 6.65 -16.62 -3.25
C VAL A 219 7.77 -17.57 -3.64
N ALA A 220 8.49 -17.23 -4.71
CA ALA A 220 9.60 -18.06 -5.18
C ALA A 220 10.88 -17.57 -4.52
N GLY A 221 11.47 -18.42 -3.67
CA GLY A 221 12.64 -18.03 -2.92
C GLY A 221 12.32 -17.73 -1.47
N TYR A 222 13.08 -18.28 -0.54
CA TYR A 222 12.87 -18.02 0.88
C TYR A 222 14.16 -17.56 1.50
N GLY A 223 14.83 -16.64 0.82
CA GLY A 223 15.97 -15.91 1.35
C GLY A 223 15.49 -14.71 2.16
N TRP A 224 16.36 -13.72 2.28
CA TRP A 224 16.00 -12.54 3.05
C TRP A 224 14.76 -11.86 2.49
N CYS A 225 14.72 -11.68 1.16
CA CYS A 225 13.55 -11.07 0.54
C CYS A 225 12.33 -11.97 0.65
N GLY A 226 12.46 -13.26 0.28
CA GLY A 226 11.31 -14.15 0.35
C GLY A 226 10.71 -14.26 1.74
N LYS A 227 11.57 -14.32 2.77
CA LYS A 227 11.06 -14.33 4.14
C LYS A 227 10.21 -13.09 4.43
N GLY A 228 10.66 -11.92 3.99
CA GLY A 228 9.89 -10.70 4.23
C GLY A 228 8.59 -10.66 3.45
N VAL A 229 8.64 -11.04 2.17
CA VAL A 229 7.42 -11.00 1.36
C VAL A 229 6.40 -12.02 1.88
N ALA A 230 6.84 -13.24 2.18
CA ALA A 230 5.91 -14.24 2.73
C ALA A 230 5.34 -13.80 4.07
N MET A 231 6.19 -13.26 4.94
CA MET A 231 5.74 -12.77 6.25
C MET A 231 4.66 -11.70 6.10
N ARG A 232 4.86 -10.74 5.19
CA ARG A 232 3.88 -9.67 5.08
C ARG A 232 2.64 -10.11 4.29
N ALA A 233 2.81 -10.96 3.28
CA ALA A 233 1.64 -11.54 2.61
C ALA A 233 0.75 -12.27 3.61
N LYS A 234 1.36 -13.05 4.50
CA LYS A 234 0.59 -13.75 5.53
C LYS A 234 -0.07 -12.76 6.47
N GLY A 235 0.69 -11.74 6.91
CA GLY A 235 0.11 -10.70 7.75
C GLY A 235 -1.08 -10.01 7.12
N MET A 236 -1.13 -9.95 5.79
CA MET A 236 -2.27 -9.35 5.09
C MET A 236 -3.37 -10.37 4.74
N GLY A 237 -3.31 -11.59 5.28
CA GLY A 237 -4.39 -12.55 5.13
C GLY A 237 -4.26 -13.50 3.96
N ALA A 238 -3.13 -13.50 3.26
CA ALA A 238 -2.96 -14.40 2.13
C ALA A 238 -2.67 -15.82 2.60
N ASP A 239 -3.03 -16.77 1.74
CA ASP A 239 -2.56 -18.15 1.81
C ASP A 239 -1.25 -18.24 1.04
N VAL A 240 -0.15 -18.56 1.71
CA VAL A 240 1.18 -18.38 1.15
C VAL A 240 1.80 -19.73 0.80
N ILE A 241 2.24 -19.85 -0.47
CA ILE A 241 3.04 -20.97 -0.95
C ILE A 241 4.45 -20.48 -1.20
N VAL A 242 5.44 -21.28 -0.79
CA VAL A 242 6.84 -20.93 -1.00
C VAL A 242 7.49 -22.00 -1.87
N THR A 243 8.27 -21.57 -2.89
CA THR A 243 9.12 -22.48 -3.65
C THR A 243 10.59 -22.21 -3.34
N GLU A 244 11.43 -23.24 -3.51
CA GLU A 244 12.84 -23.15 -3.17
C GLU A 244 13.65 -24.12 -4.03
N ILE A 245 14.97 -23.99 -3.94
CA ILE A 245 15.90 -24.99 -4.44
C ILE A 245 16.80 -25.56 -3.36
N SER A 246 16.74 -25.06 -2.13
CA SER A 246 17.64 -25.55 -1.10
C SER A 246 16.86 -25.98 0.13
N PRO A 247 17.23 -27.11 0.74
CA PRO A 247 16.39 -27.68 1.81
C PRO A 247 16.38 -26.85 3.10
N VAL A 248 17.46 -26.18 3.49
CA VAL A 248 17.45 -25.43 4.74
C VAL A 248 16.38 -24.34 4.73
N PRO A 249 16.33 -23.43 3.74
CA PRO A 249 15.22 -22.47 3.75
C PRO A 249 13.86 -23.12 3.55
N ALA A 250 13.79 -24.24 2.84
CA ALA A 250 12.51 -24.91 2.62
C ALA A 250 11.92 -25.39 3.94
N ILE A 251 12.74 -26.02 4.80
CA ILE A 251 12.27 -26.45 6.12
C ILE A 251 11.85 -25.25 6.96
N GLU A 252 12.62 -24.15 6.91
CA GLU A 252 12.26 -22.93 7.64
C GLU A 252 10.87 -22.45 7.23
N ALA A 253 10.62 -22.41 5.92
CA ALA A 253 9.32 -21.95 5.43
C ALA A 253 8.19 -22.82 5.98
N ALA A 254 8.40 -24.14 6.01
CA ALA A 254 7.38 -25.04 6.55
C ALA A 254 7.14 -24.76 8.03
N MET A 255 8.21 -24.62 8.80
CA MET A 255 8.02 -24.37 10.22
C MET A 255 7.52 -22.95 10.51
N ASP A 256 7.61 -22.05 9.53
CA ASP A 256 6.95 -20.75 9.58
C ASP A 256 5.49 -20.80 9.16
N GLY A 257 4.97 -21.98 8.82
CA GLY A 257 3.56 -22.13 8.53
C GLY A 257 3.17 -22.06 7.07
N PHE A 258 4.12 -22.01 6.16
CA PHE A 258 3.85 -21.90 4.74
C PHE A 258 3.89 -23.27 4.06
N ARG A 259 3.16 -23.38 2.95
CA ARG A 259 3.16 -24.59 2.13
C ARG A 259 4.31 -24.55 1.15
N VAL A 260 5.21 -25.54 1.21
CA VAL A 260 6.36 -25.59 0.31
C VAL A 260 6.10 -26.65 -0.75
N MET A 261 6.40 -26.34 -2.01
CA MET A 261 6.16 -27.28 -3.10
C MET A 261 6.94 -26.83 -4.33
N PRO A 262 7.12 -27.70 -5.32
CA PRO A 262 7.78 -27.28 -6.56
C PRO A 262 6.92 -26.28 -7.31
N MET A 263 7.56 -25.42 -8.11
CA MET A 263 6.82 -24.41 -8.84
C MET A 263 5.76 -25.03 -9.75
N ALA A 264 6.02 -26.23 -10.29
CA ALA A 264 5.03 -26.85 -11.18
C ALA A 264 3.73 -27.15 -10.44
N GLU A 265 3.82 -27.53 -9.17
CA GLU A 265 2.62 -27.71 -8.37
C GLU A 265 1.99 -26.37 -8.00
N ALA A 266 2.80 -25.38 -7.60
CA ALA A 266 2.27 -24.07 -7.22
C ALA A 266 1.60 -23.36 -8.39
N ALA A 267 2.03 -23.65 -9.62
CA ALA A 267 1.55 -22.90 -10.77
C ALA A 267 0.05 -23.01 -10.94
N HIS A 268 -0.53 -24.16 -10.60
CA HIS A 268 -1.98 -24.38 -10.69
C HIS A 268 -2.76 -23.62 -9.61
N GLN A 269 -2.10 -23.24 -8.53
CA GLN A 269 -2.81 -22.77 -7.33
C GLN A 269 -2.71 -21.27 -7.10
N GLY A 270 -1.66 -20.61 -7.58
CA GLY A 270 -1.43 -19.22 -7.21
C GLY A 270 -2.41 -18.26 -7.86
N ASP A 271 -2.86 -17.28 -7.08
CA ASP A 271 -3.52 -16.10 -7.63
C ASP A 271 -2.55 -14.98 -7.96
N ILE A 272 -1.46 -14.90 -7.20
CA ILE A 272 -0.39 -13.91 -7.38
C ILE A 272 0.93 -14.65 -7.22
N PHE A 273 1.86 -14.41 -8.13
CA PHE A 273 3.20 -14.98 -8.08
C PHE A 273 4.20 -13.85 -7.91
N ILE A 274 5.15 -14.02 -6.98
CA ILE A 274 6.18 -13.04 -6.68
C ILE A 274 7.53 -13.76 -6.68
N THR A 275 8.41 -13.38 -7.60
CA THR A 275 9.74 -13.99 -7.67
C THR A 275 10.75 -13.14 -6.91
N VAL A 276 11.48 -13.77 -6.00
CA VAL A 276 12.55 -13.09 -5.29
C VAL A 276 13.71 -14.06 -5.11
N THR A 277 14.21 -14.59 -6.22
CA THR A 277 15.24 -15.63 -6.17
C THR A 277 16.63 -15.16 -6.56
N GLY A 278 16.73 -14.09 -7.33
CA GLY A 278 17.99 -13.73 -7.95
C GLY A 278 18.37 -14.58 -9.16
N ASN A 279 17.52 -15.50 -9.60
CA ASN A 279 17.88 -16.44 -10.66
C ASN A 279 16.99 -16.27 -11.88
N LYS A 280 17.38 -16.91 -12.98
CA LYS A 280 16.77 -16.74 -14.29
C LYS A 280 15.69 -17.78 -14.55
N HIS A 281 14.56 -17.32 -15.09
CA HIS A 281 13.50 -18.18 -15.62
C HIS A 281 12.99 -19.13 -14.55
N VAL A 282 12.63 -18.54 -13.41
CA VAL A 282 11.98 -19.24 -12.32
C VAL A 282 10.52 -19.50 -12.65
N ILE A 283 9.90 -18.63 -13.43
CA ILE A 283 8.55 -18.88 -13.95
C ILE A 283 8.65 -18.98 -15.45
N ARG A 284 8.18 -20.09 -15.99
CA ARG A 284 8.45 -20.52 -17.36
C ARG A 284 7.16 -20.76 -18.12
N PRO A 285 7.22 -20.94 -19.45
CA PRO A 285 6.00 -21.23 -20.22
C PRO A 285 5.18 -22.42 -19.70
N GLU A 286 5.84 -23.49 -19.24
CA GLU A 286 5.08 -24.62 -18.71
C GLU A 286 4.33 -24.26 -17.43
N HIS A 287 4.71 -23.18 -16.75
CA HIS A 287 3.96 -22.70 -15.60
C HIS A 287 2.81 -21.80 -16.04
N PHE A 288 3.08 -20.81 -16.91
CA PHE A 288 2.01 -19.98 -17.46
C PHE A 288 0.88 -20.83 -17.99
N ALA A 289 1.21 -21.97 -18.61
CA ALA A 289 0.20 -22.76 -19.31
C ALA A 289 -0.86 -23.33 -18.37
N VAL A 290 -0.56 -23.49 -17.08
CA VAL A 290 -1.50 -24.11 -16.15
C VAL A 290 -2.01 -23.13 -15.09
N MET A 291 -1.67 -21.85 -15.20
CA MET A 291 -2.10 -20.88 -14.21
C MET A 291 -3.60 -20.60 -14.33
N LYS A 292 -4.21 -20.21 -13.21
CA LYS A 292 -5.60 -19.78 -13.23
C LYS A 292 -5.78 -18.61 -14.21
N ASP A 293 -6.97 -18.53 -14.79
CA ASP A 293 -7.32 -17.38 -15.61
C ASP A 293 -7.24 -16.11 -14.78
N GLY A 294 -6.38 -15.18 -15.20
CA GLY A 294 -6.24 -13.93 -14.48
C GLY A 294 -5.21 -13.95 -13.38
N ALA A 295 -4.41 -15.02 -13.29
CA ALA A 295 -3.28 -15.03 -12.37
C ALA A 295 -2.39 -13.82 -12.61
N ILE A 296 -1.83 -13.29 -11.53
CA ILE A 296 -1.00 -12.10 -11.57
C ILE A 296 0.43 -12.54 -11.30
N VAL A 297 1.37 -12.09 -12.12
CA VAL A 297 2.78 -12.42 -11.97
CA VAL A 297 2.78 -12.41 -11.93
C VAL A 297 3.58 -11.13 -11.85
N CYS A 298 4.53 -11.11 -10.92
CA CYS A 298 5.40 -9.95 -10.77
C CYS A 298 6.70 -10.43 -10.17
N ASN A 299 7.69 -9.54 -10.16
CA ASN A 299 9.05 -9.88 -9.76
C ASN A 299 9.55 -8.81 -8.79
N SER A 300 10.18 -9.24 -7.70
CA SER A 300 10.90 -8.29 -6.85
C SER A 300 12.39 -8.57 -6.79
N GLY A 301 12.91 -9.52 -7.57
CA GLY A 301 14.34 -9.65 -7.74
C GLY A 301 14.89 -8.52 -8.60
N HIS A 302 16.21 -8.35 -8.60
CA HIS A 302 16.79 -7.17 -9.23
C HIS A 302 16.46 -7.09 -10.72
N PHE A 303 16.54 -8.22 -11.42
CA PHE A 303 16.37 -8.27 -12.87
C PHE A 303 15.06 -8.96 -13.21
N ASP A 304 14.39 -8.47 -14.26
CA ASP A 304 13.11 -9.06 -14.65
C ASP A 304 13.23 -10.48 -15.20
N ILE A 305 14.45 -10.91 -15.51
CA ILE A 305 14.72 -12.22 -16.10
C ILE A 305 14.22 -13.38 -15.23
N GLU A 306 13.80 -13.12 -13.98
CA GLU A 306 13.27 -14.20 -13.16
C GLU A 306 11.98 -14.78 -13.76
N ILE A 307 11.25 -13.98 -14.51
CA ILE A 307 10.06 -14.42 -15.24
C ILE A 307 10.41 -14.44 -16.71
N ASP A 308 10.11 -15.57 -17.38
CA ASP A 308 10.38 -15.70 -18.81
C ASP A 308 9.28 -14.96 -19.60
N LEU A 309 9.38 -13.63 -19.57
CA LEU A 309 8.41 -12.79 -20.26
C LEU A 309 8.58 -12.87 -21.78
N LYS A 310 9.81 -13.07 -22.25
CA LYS A 310 10.01 -13.23 -23.69
C LYS A 310 9.20 -14.40 -24.22
N SER A 311 9.20 -15.52 -23.50
CA SER A 311 8.40 -16.67 -23.94
C SER A 311 6.91 -16.39 -23.82
N LEU A 312 6.50 -15.72 -22.74
CA LEU A 312 5.11 -15.33 -22.59
C LEU A 312 4.64 -14.45 -23.76
N LYS A 313 5.48 -13.52 -24.19
CA LYS A 313 5.12 -12.69 -25.33
C LYS A 313 4.96 -13.52 -26.59
N GLU A 314 5.82 -14.53 -26.77
CA GLU A 314 5.70 -15.40 -27.93
C GLU A 314 4.48 -16.30 -27.82
N GLN A 315 4.27 -16.91 -26.64
CA GLN A 315 3.08 -17.73 -26.40
C GLN A 315 1.79 -16.97 -26.70
N ALA A 316 1.68 -15.73 -26.19
CA ALA A 316 0.41 -15.03 -26.17
C ALA A 316 -0.06 -14.67 -27.57
N LYS A 317 -1.38 -14.64 -27.74
CA LYS A 317 -1.92 -14.14 -28.99
C LYS A 317 -2.19 -12.65 -28.96
N GLU A 318 -2.26 -12.04 -27.78
CA GLU A 318 -2.40 -10.60 -27.70
C GLU A 318 -1.94 -10.12 -26.33
N VAL A 319 -1.62 -8.83 -26.26
CA VAL A 319 -1.24 -8.16 -25.01
C VAL A 319 -1.84 -6.76 -25.04
N LYS A 320 -2.34 -6.32 -23.88
CA LYS A 320 -2.82 -4.95 -23.81
C LYS A 320 -2.63 -4.44 -22.38
N GLU A 321 -2.43 -3.13 -22.27
CA GLU A 321 -2.43 -2.49 -20.96
C GLU A 321 -3.86 -2.35 -20.49
N VAL A 322 -4.15 -2.86 -19.28
CA VAL A 322 -5.49 -2.81 -18.70
C VAL A 322 -5.56 -1.88 -17.50
N ARG A 323 -4.43 -1.32 -17.06
CA ARG A 323 -4.34 -0.34 -15.99
C ARG A 323 -2.90 0.13 -15.92
N ASN A 324 -2.66 1.25 -15.23
CA ASN A 324 -1.28 1.69 -15.02
C ASN A 324 -0.45 0.55 -14.44
N PHE A 325 0.71 0.30 -15.04
CA PHE A 325 1.69 -0.73 -14.64
C PHE A 325 1.19 -2.15 -14.83
N THR A 326 0.09 -2.35 -15.55
CA THR A 326 -0.59 -3.64 -15.57
C THR A 326 -0.91 -4.05 -17.00
N GLU A 327 -0.37 -5.18 -17.43
CA GLU A 327 -0.59 -5.73 -18.76
C GLU A 327 -1.35 -7.04 -18.68
N GLN A 328 -2.26 -7.24 -19.62
CA GLN A 328 -2.98 -8.50 -19.74
C GLN A 328 -2.50 -9.23 -20.98
N TYR A 329 -1.92 -10.42 -20.79
CA TYR A 329 -1.56 -11.32 -21.88
C TYR A 329 -2.67 -12.35 -22.05
N ILE A 330 -3.13 -12.54 -23.29
CA ILE A 330 -4.17 -13.52 -23.57
C ILE A 330 -3.56 -14.67 -24.35
N LEU A 331 -3.67 -15.87 -23.81
CA LEU A 331 -3.10 -17.06 -24.42
C LEU A 331 -4.03 -17.59 -25.50
N PRO A 332 -3.52 -18.38 -26.44
CA PRO A 332 -4.36 -18.90 -27.52
C PRO A 332 -5.62 -19.63 -27.04
N ASN A 333 -5.60 -20.20 -25.84
CA ASN A 333 -6.81 -20.81 -25.28
C ASN A 333 -7.70 -19.80 -24.54
N GLY A 334 -7.41 -18.50 -24.66
CA GLY A 334 -8.28 -17.49 -24.12
C GLY A 334 -8.08 -17.18 -22.65
N LYS A 335 -7.22 -17.91 -21.95
CA LYS A 335 -6.94 -17.57 -20.56
C LYS A 335 -5.93 -16.42 -20.52
N SER A 336 -5.98 -15.66 -19.44
CA SER A 336 -5.19 -14.44 -19.37
C SER A 336 -4.20 -14.52 -18.22
N ILE A 337 -3.04 -13.89 -18.44
CA ILE A 337 -2.01 -13.71 -17.42
C ILE A 337 -1.78 -12.21 -17.27
N ILE A 338 -1.77 -11.73 -16.02
CA ILE A 338 -1.57 -10.32 -15.71
C ILE A 338 -0.14 -10.13 -15.25
N VAL A 339 0.57 -9.19 -15.86
CA VAL A 339 1.96 -8.89 -15.50
C VAL A 339 2.03 -7.47 -14.97
N ILE A 340 2.65 -7.28 -13.81
CA ILE A 340 2.81 -5.96 -13.21
C ILE A 340 4.22 -5.46 -13.49
N GLY A 341 4.30 -4.20 -13.93
CA GLY A 341 5.57 -3.50 -14.03
C GLY A 341 6.52 -4.08 -15.05
N GLU A 342 5.99 -4.78 -16.05
CA GLU A 342 6.79 -5.45 -17.09
C GLU A 342 7.81 -6.39 -16.48
N GLY A 343 7.48 -6.94 -15.30
CA GLY A 343 8.37 -7.81 -14.60
C GLY A 343 9.52 -7.15 -13.90
N ARG A 344 9.64 -5.82 -13.97
CA ARG A 344 10.68 -5.11 -13.23
C ARG A 344 10.28 -5.01 -11.76
N LEU A 345 11.29 -4.86 -10.89
CA LEU A 345 11.07 -4.94 -9.44
C LEU A 345 9.82 -4.16 -9.04
N VAL A 346 8.82 -4.87 -8.52
CA VAL A 346 7.48 -4.30 -8.50
C VAL A 346 7.36 -3.23 -7.42
N ASN A 347 8.20 -3.29 -6.38
CA ASN A 347 8.13 -2.28 -5.34
C ASN A 347 8.57 -0.92 -5.87
N LEU A 348 9.55 -0.90 -6.75
CA LEU A 348 10.07 0.35 -7.30
C LEU A 348 9.39 0.73 -8.61
N ALA A 349 8.86 -0.24 -9.35
CA ALA A 349 8.21 0.04 -10.61
C ALA A 349 6.79 0.57 -10.41
N ALA A 350 6.06 0.01 -9.45
CA ALA A 350 4.65 0.35 -9.24
C ALA A 350 4.42 1.14 -7.96
N ALA A 351 5.45 1.33 -7.14
CA ALA A 351 5.31 2.14 -5.94
C ALA A 351 6.57 3.00 -5.80
N THR A 352 7.09 3.16 -4.58
CA THR A 352 8.24 4.04 -4.40
C THR A 352 9.44 3.31 -3.81
N GLY A 353 9.46 1.98 -3.89
CA GLY A 353 10.55 1.22 -3.27
C GLY A 353 10.43 1.17 -1.75
N HIS A 354 11.53 0.74 -1.11
CA HIS A 354 11.55 0.61 0.34
C HIS A 354 11.29 1.95 1.02
N PRO A 355 10.69 1.93 2.21
CA PRO A 355 10.67 3.12 3.06
C PRO A 355 12.07 3.62 3.38
N SER A 356 12.18 4.93 3.62
CA SER A 356 13.47 5.53 3.91
C SER A 356 14.07 5.03 5.22
N ALA A 357 13.23 4.56 6.15
CA ALA A 357 13.76 4.04 7.42
C ALA A 357 14.79 2.93 7.20
N VAL A 358 14.54 1.99 6.27
CA VAL A 358 15.55 0.93 6.04
C VAL A 358 16.63 1.43 5.10
N MET A 359 16.29 2.27 4.13
CA MET A 359 17.33 2.78 3.25
C MET A 359 18.32 3.64 4.02
N ASP A 360 17.93 4.18 5.18
CA ASP A 360 18.86 4.91 6.03
C ASP A 360 20.08 4.03 6.32
N MET A 361 19.83 2.77 6.70
CA MET A 361 20.93 1.87 7.02
C MET A 361 21.65 1.38 5.78
N SER A 362 20.91 1.02 4.72
CA SER A 362 21.55 0.58 3.49
C SER A 362 22.48 1.66 2.96
N PHE A 363 22.01 2.91 2.93
CA PHE A 363 22.83 3.95 2.33
C PHE A 363 23.84 4.56 3.30
N ALA A 364 23.63 4.42 4.61
CA ALA A 364 24.73 4.68 5.53
C ALA A 364 25.89 3.72 5.25
N ASN A 365 25.58 2.45 4.97
CA ASN A 365 26.60 1.49 4.58
C ASN A 365 27.29 1.92 3.29
N GLN A 366 26.51 2.40 2.31
CA GLN A 366 27.12 2.89 1.07
C GLN A 366 28.09 4.03 1.34
N ALA A 367 27.65 5.01 2.15
CA ALA A 367 28.48 6.19 2.39
C ALA A 367 29.78 5.81 3.08
N LEU A 368 29.69 4.98 4.13
CA LEU A 368 30.88 4.60 4.88
C LEU A 368 31.74 3.61 4.12
N ALA A 369 31.14 2.83 3.21
CA ALA A 369 31.95 1.97 2.35
C ALA A 369 32.80 2.80 1.39
N CYS A 370 32.22 3.85 0.81
CA CYS A 370 33.01 4.75 -0.04
C CYS A 370 34.13 5.41 0.74
N GLU A 371 33.81 5.88 1.96
CA GLU A 371 34.85 6.45 2.80
C GLU A 371 35.95 5.43 3.09
N HIS A 372 35.56 4.19 3.39
CA HIS A 372 36.52 3.12 3.63
C HIS A 372 37.46 2.91 2.44
N LEU A 373 36.91 2.90 1.21
CA LEU A 373 37.75 2.75 0.03
C LEU A 373 38.77 3.88 -0.09
N VAL A 374 38.38 5.11 0.21
CA VAL A 374 39.30 6.23 0.04
C VAL A 374 40.33 6.26 1.16
N LYS A 375 39.88 6.09 2.42
CA LYS A 375 40.82 6.12 3.53
C LYS A 375 41.84 4.98 3.47
N ASN A 376 41.50 3.87 2.81
CA ASN A 376 42.37 2.70 2.73
C ASN A 376 42.92 2.46 1.33
N LYS A 377 42.90 3.46 0.46
CA LYS A 377 43.48 3.32 -0.88
C LYS A 377 44.94 2.93 -0.80
N GLY A 378 45.31 1.89 -1.54
CA GLY A 378 46.66 1.36 -1.45
C GLY A 378 46.88 0.40 -0.31
N GLN A 379 45.82 0.01 0.40
CA GLN A 379 45.91 -0.98 1.47
C GLN A 379 44.86 -2.07 1.39
N LEU A 380 43.99 -2.06 0.38
CA LEU A 380 42.97 -3.08 0.19
C LEU A 380 43.36 -4.00 -0.96
N GLU A 381 43.23 -5.31 -0.76
CA GLU A 381 43.46 -6.26 -1.85
C GLU A 381 42.34 -6.14 -2.88
N PRO A 382 42.64 -6.44 -4.15
CA PRO A 382 41.56 -6.62 -5.11
C PRO A 382 40.67 -7.79 -4.70
N GLY A 383 39.43 -7.73 -5.14
CA GLY A 383 38.43 -8.71 -4.75
C GLY A 383 37.42 -8.10 -3.80
N MET A 384 36.52 -8.95 -3.33
CA MET A 384 35.41 -8.48 -2.51
C MET A 384 35.84 -8.31 -1.06
N HIS A 385 35.30 -7.28 -0.41
CA HIS A 385 35.52 -7.00 1.00
C HIS A 385 34.18 -6.82 1.70
N SER A 386 34.03 -7.42 2.88
CA SER A 386 32.82 -7.18 3.64
C SER A 386 32.91 -5.84 4.39
N ILE A 387 31.75 -5.32 4.75
CA ILE A 387 31.74 -4.09 5.55
C ILE A 387 32.39 -4.38 6.89
N PRO A 388 33.35 -3.57 7.34
CA PRO A 388 33.99 -3.85 8.64
C PRO A 388 32.94 -3.96 9.73
N VAL A 389 33.14 -4.94 10.62
CA VAL A 389 32.20 -5.20 11.71
C VAL A 389 31.94 -3.93 12.52
N GLU A 390 33.00 -3.18 12.80
CA GLU A 390 32.86 -1.98 13.62
C GLU A 390 31.94 -0.96 12.95
N VAL A 391 31.99 -0.88 11.62
CA VAL A 391 31.11 0.04 10.92
C VAL A 391 29.68 -0.46 10.93
N ASP A 392 29.48 -1.72 10.53
CA ASP A 392 28.18 -2.38 10.56
C ASP A 392 27.51 -2.21 11.93
N GLN A 393 28.26 -2.46 13.00
CA GLN A 393 27.67 -2.39 14.34
C GLN A 393 27.34 -0.96 14.76
N GLU A 394 28.16 0.01 14.35
CA GLU A 394 27.88 1.40 14.71
C GLU A 394 26.63 1.92 14.00
N ILE A 395 26.43 1.52 12.75
CA ILE A 395 25.18 1.86 12.06
C ILE A 395 23.99 1.32 12.87
N ALA A 396 24.08 0.08 13.37
CA ALA A 396 22.97 -0.48 14.13
C ALA A 396 22.77 0.31 15.43
N ARG A 397 23.85 0.61 16.15
CA ARG A 397 23.70 1.36 17.40
C ARG A 397 23.05 2.71 17.16
N LEU A 398 23.46 3.41 16.09
CA LEU A 398 22.90 4.74 15.84
C LEU A 398 21.44 4.64 15.43
N LYS A 399 21.09 3.62 14.64
CA LYS A 399 19.70 3.50 14.21
C LYS A 399 18.80 3.18 15.39
N LEU A 400 19.25 2.29 16.27
CA LEU A 400 18.45 1.93 17.43
C LEU A 400 18.23 3.14 18.33
N GLN A 401 19.28 3.93 18.54
CA GLN A 401 19.14 5.19 19.25
C GLN A 401 18.12 6.10 18.57
N ALA A 402 18.23 6.24 17.25
CA ALA A 402 17.36 7.17 16.53
C ALA A 402 15.91 6.70 16.52
N MET A 403 15.67 5.38 16.66
CA MET A 403 14.32 4.84 16.83
C MET A 403 13.79 5.03 18.25
N GLY A 404 14.58 5.57 19.17
CA GLY A 404 14.10 5.81 20.52
C GLY A 404 14.02 4.58 21.39
N ILE A 405 14.76 3.52 21.04
CA ILE A 405 14.77 2.26 21.79
C ILE A 405 16.05 2.18 22.61
N ALA A 406 15.91 1.81 23.88
CA ALA A 406 17.04 1.61 24.78
C ALA A 406 17.13 0.15 25.18
N ILE A 407 18.35 -0.36 25.31
CA ILE A 407 18.57 -1.75 25.69
C ILE A 407 19.60 -1.81 26.81
N ASP A 408 19.92 -3.01 27.23
CA ASP A 408 20.85 -3.26 28.33
C ASP A 408 22.28 -3.37 27.82
N SER A 409 23.21 -3.40 28.78
CA SER A 409 24.64 -3.55 28.54
C SER A 409 25.18 -4.54 29.55
N LEU A 410 26.15 -5.35 29.13
CA LEU A 410 26.75 -6.33 30.04
C LEU A 410 27.44 -5.64 31.21
N THR A 411 27.31 -6.25 32.42
CA THR A 411 28.06 -5.80 33.58
C THR A 411 29.43 -6.45 33.60
N PRO A 412 30.36 -5.93 34.40
CA PRO A 412 31.64 -6.63 34.60
C PRO A 412 31.47 -8.09 34.98
N GLU A 413 30.50 -8.40 35.84
CA GLU A 413 30.30 -9.76 36.31
C GLU A 413 29.88 -10.67 35.16
N GLN A 414 29.04 -10.17 34.25
CA GLN A 414 28.62 -10.97 33.11
C GLN A 414 29.76 -11.22 32.14
N VAL A 415 30.62 -10.21 31.93
CA VAL A 415 31.80 -10.41 31.09
C VAL A 415 32.70 -11.48 31.69
N GLU A 416 32.92 -11.41 33.01
CA GLU A 416 33.72 -12.43 33.69
C GLU A 416 33.14 -13.82 33.48
N TYR A 417 31.81 -13.94 33.49
CA TYR A 417 31.18 -15.25 33.33
C TYR A 417 31.44 -15.82 31.94
N ILE A 418 31.30 -14.98 30.91
CA ILE A 418 31.56 -15.40 29.54
C ILE A 418 32.96 -15.99 29.40
N ASN A 419 33.95 -15.33 30.00
CA ASN A 419 35.33 -15.80 29.90
C ASN A 419 35.65 -16.93 30.86
N SER A 420 34.71 -17.33 31.70
CA SER A 420 34.97 -18.41 32.64
C SER A 420 34.48 -19.70 32.00
N TRP A 421 35.33 -20.71 31.96
CA TRP A 421 34.89 -22.00 31.45
C TRP A 421 34.74 -23.05 32.53
N ALA A 422 35.39 -22.87 33.69
CA ALA A 422 35.38 -23.90 34.71
C ALA A 422 34.09 -23.92 35.52
N SER A 423 33.26 -22.88 35.43
CA SER A 423 32.13 -22.70 36.32
C SER A 423 30.83 -23.05 35.62
N GLY A 424 29.93 -23.71 36.37
CA GLY A 424 28.69 -24.22 35.83
C GLY A 424 28.62 -25.70 36.15
N THR A 425 27.59 -26.12 36.86
CA THR A 425 27.51 -27.53 37.25
C THR A 425 26.10 -28.10 37.15
N LYS B 9 -28.28 17.49 -16.31
CA LYS B 9 -26.87 17.76 -16.55
C LYS B 9 -26.01 17.00 -15.53
N TYR B 10 -24.98 17.66 -15.01
CA TYR B 10 -23.96 17.07 -14.17
C TYR B 10 -23.00 18.17 -13.74
N ASP B 11 -22.11 17.84 -12.80
CA ASP B 11 -21.10 18.79 -12.31
C ASP B 11 -19.87 17.97 -11.94
N ILE B 12 -18.88 17.94 -12.84
CA ILE B 12 -17.71 17.09 -12.69
C ILE B 12 -16.47 17.88 -13.09
N LYS B 13 -15.31 17.29 -12.84
CA LYS B 13 -14.04 17.99 -13.09
C LYS B 13 -13.72 18.07 -14.57
N ASP B 14 -13.67 16.92 -15.25
CA ASP B 14 -13.10 16.84 -16.59
C ASP B 14 -13.66 15.61 -17.29
N ILE B 15 -14.56 15.83 -18.25
CA ILE B 15 -15.19 14.70 -18.93
C ILE B 15 -14.22 13.98 -19.87
N SER B 16 -13.09 14.61 -20.21
CA SER B 16 -12.11 13.92 -21.05
C SER B 16 -11.41 12.79 -20.32
N LEU B 17 -11.65 12.64 -19.01
CA LEU B 17 -11.07 11.53 -18.25
C LEU B 17 -11.86 10.24 -18.41
N ALA B 18 -12.96 10.27 -19.17
CA ALA B 18 -13.86 9.12 -19.23
C ALA B 18 -13.17 7.83 -19.66
N PRO B 19 -12.35 7.80 -20.73
CA PRO B 19 -11.73 6.53 -21.12
C PRO B 19 -10.94 5.88 -20.00
N GLN B 20 -10.19 6.67 -19.25
CA GLN B 20 -9.44 6.12 -18.13
C GLN B 20 -10.37 5.60 -17.04
N GLY B 21 -11.47 6.32 -16.78
CA GLY B 21 -12.44 5.85 -15.81
C GLY B 21 -13.04 4.52 -16.23
N ARG B 22 -13.40 4.38 -17.51
CA ARG B 22 -13.98 3.15 -18.02
C ARG B 22 -13.02 1.97 -17.83
N GLN B 23 -11.74 2.17 -18.20
CA GLN B 23 -10.74 1.13 -18.01
C GLN B 23 -10.67 0.67 -16.56
N ARG B 24 -10.67 1.63 -15.63
CA ARG B 24 -10.52 1.32 -14.22
C ARG B 24 -11.79 0.72 -13.65
N ILE B 25 -12.95 1.15 -14.15
CA ILE B 25 -14.22 0.55 -13.72
C ILE B 25 -14.27 -0.91 -14.15
N GLU B 26 -13.85 -1.20 -15.38
CA GLU B 26 -13.85 -2.58 -15.85
C GLU B 26 -12.81 -3.42 -15.11
N TRP B 27 -11.67 -2.83 -14.74
CA TRP B 27 -10.72 -3.57 -13.93
C TRP B 27 -11.34 -3.96 -12.60
N ALA B 28 -12.01 -3.00 -11.95
CA ALA B 28 -12.59 -3.27 -10.64
C ALA B 28 -13.69 -4.33 -10.72
N ALA B 29 -14.40 -4.36 -11.84
CA ALA B 29 -15.49 -5.31 -12.00
C ALA B 29 -14.99 -6.76 -11.96
N ARG B 30 -13.71 -7.00 -12.25
CA ARG B 30 -13.22 -8.38 -12.31
C ARG B 30 -13.40 -9.11 -10.99
N GLU B 31 -13.37 -8.39 -9.86
CA GLU B 31 -13.62 -9.00 -8.57
C GLU B 31 -14.96 -8.58 -7.99
N MET B 32 -15.91 -8.23 -8.85
CA MET B 32 -17.31 -8.04 -8.44
C MET B 32 -18.24 -9.00 -9.17
N PRO B 33 -18.00 -10.32 -9.06
CA PRO B 33 -18.85 -11.28 -9.79
C PRO B 33 -20.26 -11.39 -9.24
N VAL B 34 -20.47 -11.19 -7.94
CA VAL B 34 -21.82 -11.27 -7.40
C VAL B 34 -22.66 -10.13 -7.95
N LEU B 35 -22.11 -8.92 -7.94
CA LEU B 35 -22.83 -7.77 -8.46
C LEU B 35 -23.12 -7.93 -9.95
N LYS B 36 -22.19 -8.52 -10.69
CA LYS B 36 -22.41 -8.77 -12.12
C LYS B 36 -23.64 -9.65 -12.35
N GLN B 37 -23.78 -10.73 -11.56
CA GLN B 37 -24.95 -11.60 -11.71
C GLN B 37 -26.24 -10.84 -11.42
N ILE B 38 -26.23 -10.01 -10.38
CA ILE B 38 -27.38 -9.19 -10.05
C ILE B 38 -27.69 -8.24 -11.22
N ARG B 39 -26.65 -7.61 -11.75
CA ARG B 39 -26.83 -6.72 -12.88
C ARG B 39 -27.49 -7.46 -14.05
N GLU B 40 -26.99 -8.66 -14.36
CA GLU B 40 -27.56 -9.40 -15.48
C GLU B 40 -29.00 -9.81 -15.23
N ARG B 41 -29.37 -10.09 -13.98
CA ARG B 41 -30.78 -10.34 -13.70
C ARG B 41 -31.59 -9.06 -13.78
N PHE B 42 -31.03 -7.96 -13.25
CA PHE B 42 -31.72 -6.66 -13.27
C PHE B 42 -32.02 -6.23 -14.69
N ALA B 43 -31.10 -6.48 -15.62
CA ALA B 43 -31.29 -6.02 -16.99
C ALA B 43 -32.46 -6.71 -17.67
N GLN B 44 -32.82 -7.91 -17.22
CA GLN B 44 -33.96 -8.61 -17.80
C GLN B 44 -35.25 -8.31 -17.04
N GLU B 45 -35.18 -8.19 -15.71
CA GLU B 45 -36.38 -8.03 -14.90
C GLU B 45 -36.77 -6.57 -14.70
N LYS B 46 -35.85 -5.63 -14.88
CA LYS B 46 -36.12 -4.20 -14.78
C LYS B 46 -36.87 -3.84 -13.49
N PRO B 47 -36.33 -4.18 -12.32
CA PRO B 47 -37.07 -3.89 -11.08
C PRO B 47 -37.27 -2.42 -10.82
N PHE B 48 -36.45 -1.54 -11.38
CA PHE B 48 -36.47 -0.11 -11.07
C PHE B 48 -37.09 0.72 -12.18
N ALA B 49 -37.81 0.08 -13.10
CA ALA B 49 -38.46 0.81 -14.18
C ALA B 49 -39.42 1.83 -13.61
N GLY B 50 -39.24 3.10 -13.99
CA GLY B 50 -40.07 4.19 -13.52
C GLY B 50 -39.68 4.77 -12.17
N ILE B 51 -38.56 4.33 -11.59
CA ILE B 51 -38.14 4.74 -10.25
C ILE B 51 -37.01 5.77 -10.40
N ARG B 52 -37.11 6.87 -9.66
CA ARG B 52 -36.00 7.81 -9.56
C ARG B 52 -35.21 7.52 -8.29
N LEU B 53 -33.89 7.63 -8.39
CA LEU B 53 -33.01 7.20 -7.32
C LEU B 53 -31.87 8.20 -7.16
N VAL B 54 -31.53 8.50 -5.91
CA VAL B 54 -30.36 9.30 -5.58
C VAL B 54 -29.39 8.39 -4.84
N ALA B 55 -28.12 8.44 -5.22
CA ALA B 55 -27.05 7.77 -4.49
C ALA B 55 -26.08 8.82 -3.97
N CYS B 56 -25.84 8.80 -2.66
CA CYS B 56 -24.78 9.59 -2.03
C CYS B 56 -23.75 8.58 -1.56
N CYS B 57 -22.71 8.39 -2.38
CA CYS B 57 -21.69 7.36 -2.15
C CYS B 57 -20.34 7.97 -2.47
N HIS B 58 -19.28 7.25 -2.11
CA HIS B 58 -17.95 7.60 -2.60
C HIS B 58 -17.87 7.28 -4.08
N VAL B 59 -17.45 8.27 -4.89
CA VAL B 59 -17.48 8.10 -6.33
C VAL B 59 -16.22 7.37 -6.78
N THR B 60 -16.26 6.04 -6.67
CA THR B 60 -15.13 5.16 -6.95
C THR B 60 -15.50 4.20 -8.07
N THR B 61 -14.51 3.41 -8.50
CA THR B 61 -14.79 2.37 -9.49
C THR B 61 -15.82 1.36 -8.97
N GLU B 62 -15.91 1.19 -7.65
CA GLU B 62 -16.86 0.21 -7.12
C GLU B 62 -18.28 0.76 -7.11
N THR B 63 -18.44 2.02 -6.70
CA THR B 63 -19.74 2.68 -6.78
C THR B 63 -20.22 2.75 -8.24
N ALA B 64 -19.29 3.00 -9.17
CA ALA B 64 -19.65 3.00 -10.59
C ALA B 64 -20.32 1.69 -10.99
N ASN B 65 -19.71 0.56 -10.62
CA ASN B 65 -20.29 -0.73 -10.98
C ASN B 65 -21.66 -0.91 -10.35
N LEU B 66 -21.88 -0.34 -9.16
CA LEU B 66 -23.21 -0.35 -8.57
C LEU B 66 -24.18 0.48 -9.39
N ALA B 67 -23.75 1.69 -9.79
CA ALA B 67 -24.64 2.55 -10.56
C ALA B 67 -24.99 1.91 -11.90
N ILE B 68 -24.03 1.21 -12.50
CA ILE B 68 -24.31 0.52 -13.76
C ILE B 68 -25.35 -0.57 -13.55
N ALA B 69 -25.29 -1.24 -12.40
CA ALA B 69 -26.28 -2.27 -12.09
C ALA B 69 -27.68 -1.69 -11.91
N LEU B 70 -27.79 -0.58 -11.19
CA LEU B 70 -29.10 0.04 -11.01
C LEU B 70 -29.64 0.57 -12.33
N HIS B 71 -28.75 1.09 -13.17
CA HIS B 71 -29.14 1.58 -14.49
C HIS B 71 -29.68 0.45 -15.34
N ALA B 72 -29.00 -0.71 -15.35
CA ALA B 72 -29.49 -1.89 -16.05
C ALA B 72 -30.86 -2.31 -15.54
N GLY B 73 -31.12 -2.10 -14.26
CA GLY B 73 -32.43 -2.37 -13.70
C GLY B 73 -33.49 -1.33 -13.99
N GLY B 74 -33.15 -0.25 -14.71
CA GLY B 74 -34.12 0.76 -15.10
C GLY B 74 -34.16 2.00 -14.23
N ALA B 75 -33.28 2.12 -13.24
CA ALA B 75 -33.33 3.26 -12.34
C ALA B 75 -32.92 4.55 -13.05
N ASP B 76 -33.65 5.61 -12.75
CA ASP B 76 -33.29 6.96 -13.18
C ASP B 76 -32.49 7.57 -12.04
N SER B 77 -31.17 7.43 -12.11
CA SER B 77 -30.29 7.67 -10.97
C SER B 77 -29.51 8.97 -11.10
N LEU B 78 -29.21 9.57 -9.95
CA LEU B 78 -28.35 10.74 -9.82
C LEU B 78 -27.37 10.46 -8.70
N LEU B 79 -26.08 10.63 -8.98
CA LEU B 79 -25.01 10.31 -8.04
C LEU B 79 -24.31 11.58 -7.58
N ILE B 80 -24.12 11.70 -6.25
CA ILE B 80 -23.35 12.78 -5.66
C ILE B 80 -22.32 12.18 -4.72
N ALA B 81 -21.31 12.98 -4.37
CA ALA B 81 -20.20 12.49 -3.55
C ALA B 81 -20.59 12.41 -2.07
N SER B 82 -20.18 11.32 -1.43
CA SER B 82 -20.29 11.15 0.01
C SER B 82 -19.24 11.94 0.78
N ASN B 83 -18.15 12.33 0.11
CA ASN B 83 -17.01 13.00 0.72
C ASN B 83 -16.23 13.75 -0.34
N PRO B 84 -15.84 15.00 -0.08
CA PRO B 84 -15.15 15.79 -1.12
C PRO B 84 -13.81 15.21 -1.56
N LEU B 85 -13.13 14.46 -0.70
CA LEU B 85 -11.81 13.97 -1.03
C LEU B 85 -11.80 12.55 -1.63
N SER B 86 -12.90 11.81 -1.58
CA SER B 86 -12.90 10.43 -2.04
C SER B 86 -13.27 10.28 -3.52
N THR B 87 -13.74 11.35 -4.15
CA THR B 87 -14.20 11.27 -5.52
C THR B 87 -13.05 10.96 -6.48
N GLN B 88 -13.32 10.06 -7.41
CA GLN B 88 -12.40 9.72 -8.49
C GLN B 88 -12.95 10.39 -9.75
N ASP B 89 -12.24 11.42 -10.24
CA ASP B 89 -12.79 12.24 -11.33
C ASP B 89 -12.93 11.48 -12.63
N ASP B 90 -12.03 10.52 -12.89
CA ASP B 90 -12.17 9.71 -14.10
C ASP B 90 -13.42 8.84 -14.06
N VAL B 91 -13.79 8.34 -12.88
CA VAL B 91 -15.02 7.57 -12.74
C VAL B 91 -16.24 8.46 -12.98
N ALA B 92 -16.25 9.64 -12.34
CA ALA B 92 -17.35 10.58 -12.58
C ALA B 92 -17.54 10.83 -14.06
N ALA B 93 -16.43 11.07 -14.77
CA ALA B 93 -16.52 11.37 -16.19
C ALA B 93 -17.06 10.18 -16.99
N CYS B 94 -16.62 8.96 -16.66
CA CYS B 94 -17.10 7.81 -17.41
C CYS B 94 -18.60 7.58 -17.21
N LEU B 95 -19.07 7.72 -15.97
CA LEU B 95 -20.50 7.55 -15.71
C LEU B 95 -21.33 8.55 -16.51
N VAL B 96 -20.89 9.80 -16.59
CA VAL B 96 -21.61 10.79 -17.38
C VAL B 96 -21.52 10.46 -18.87
N ALA B 97 -20.30 10.23 -19.37
CA ALA B 97 -20.09 10.20 -20.80
C ALA B 97 -20.52 8.87 -21.41
N ASP B 98 -20.29 7.76 -20.70
CA ASP B 98 -20.58 6.43 -21.26
C ASP B 98 -21.94 5.89 -20.87
N TYR B 99 -22.50 6.32 -19.73
CA TYR B 99 -23.77 5.80 -19.26
C TYR B 99 -24.88 6.85 -19.18
N GLY B 100 -24.56 8.13 -19.36
CA GLY B 100 -25.59 9.15 -19.26
C GLY B 100 -26.19 9.27 -17.87
N ILE B 101 -25.43 8.94 -16.84
CA ILE B 101 -25.88 9.02 -15.46
C ILE B 101 -25.41 10.35 -14.88
N PRO B 102 -26.31 11.23 -14.43
CA PRO B 102 -25.87 12.51 -13.87
C PRO B 102 -25.03 12.29 -12.63
N VAL B 103 -23.83 12.88 -12.63
CA VAL B 103 -22.93 12.83 -11.47
C VAL B 103 -22.61 14.26 -11.07
N TYR B 104 -22.76 14.55 -9.78
CA TYR B 104 -22.42 15.84 -9.20
C TYR B 104 -21.36 15.56 -8.14
N ALA B 105 -20.10 15.70 -8.54
CA ALA B 105 -18.98 15.22 -7.73
C ALA B 105 -17.67 15.66 -8.33
N ILE B 106 -16.92 16.51 -7.62
CA ILE B 106 -15.61 16.98 -8.05
C ILE B 106 -14.66 16.71 -6.90
N LYS B 107 -13.57 15.97 -7.18
CA LYS B 107 -12.56 15.76 -6.15
C LYS B 107 -12.08 17.10 -5.60
N GLY B 108 -12.07 17.22 -4.28
CA GLY B 108 -11.61 18.43 -3.64
C GLY B 108 -12.59 19.59 -3.65
N GLU B 109 -13.85 19.35 -4.00
CA GLU B 109 -14.86 20.41 -3.99
C GLU B 109 -15.01 21.00 -2.58
N ASP B 110 -15.41 22.27 -2.51
CA ASP B 110 -15.55 22.91 -1.21
C ASP B 110 -16.89 22.53 -0.57
N ASN B 111 -17.10 23.04 0.64
CA ASN B 111 -18.29 22.68 1.40
C ASN B 111 -19.57 23.21 0.76
N GLU B 112 -19.51 24.43 0.21
CA GLU B 112 -20.68 24.99 -0.45
C GLU B 112 -21.08 24.15 -1.65
N THR B 113 -20.09 23.67 -2.42
CA THR B 113 -20.40 22.82 -3.56
C THR B 113 -21.05 21.52 -3.13
N TYR B 114 -20.51 20.88 -2.09
CA TYR B 114 -21.12 19.68 -1.53
C TYR B 114 -22.58 19.92 -1.19
N HIS B 115 -22.87 21.00 -0.45
CA HIS B 115 -24.24 21.27 -0.03
C HIS B 115 -25.15 21.60 -1.20
N ARG B 116 -24.63 22.30 -2.21
CA ARG B 116 -25.39 22.52 -3.42
C ARG B 116 -25.68 21.21 -4.15
N HIS B 117 -24.72 20.29 -4.15
CA HIS B 117 -24.97 18.99 -4.79
C HIS B 117 -26.08 18.23 -4.07
N VAL B 118 -26.12 18.30 -2.74
CA VAL B 118 -27.21 17.66 -1.99
C VAL B 118 -28.55 18.26 -2.39
N GLN B 119 -28.61 19.59 -2.56
CA GLN B 119 -29.85 20.25 -2.95
C GLN B 119 -30.30 19.82 -4.34
N ILE B 120 -29.35 19.70 -5.27
CA ILE B 120 -29.67 19.22 -6.61
C ILE B 120 -30.20 17.78 -6.55
N ALA B 121 -29.55 16.94 -5.75
CA ALA B 121 -30.00 15.56 -5.62
C ALA B 121 -31.44 15.50 -5.13
N LEU B 122 -31.78 16.30 -4.12
CA LEU B 122 -33.13 16.25 -3.60
C LEU B 122 -34.15 16.82 -4.58
N ASP B 123 -33.72 17.67 -5.52
CA ASP B 123 -34.62 18.19 -6.55
C ASP B 123 -34.92 17.15 -7.63
N HIS B 124 -34.08 16.11 -7.74
CA HIS B 124 -34.41 14.94 -8.55
C HIS B 124 -35.66 14.22 -8.04
N ARG B 125 -36.14 14.55 -6.85
CA ARG B 125 -37.32 13.93 -6.27
C ARG B 125 -37.21 12.40 -6.24
N PRO B 126 -36.19 11.86 -5.58
CA PRO B 126 -35.99 10.41 -5.62
C PRO B 126 -37.12 9.66 -4.92
N ASN B 127 -37.41 8.48 -5.44
CA ASN B 127 -38.22 7.50 -4.71
C ASN B 127 -37.38 6.62 -3.81
N ILE B 128 -36.11 6.40 -4.18
CA ILE B 128 -35.16 5.64 -3.38
C ILE B 128 -33.93 6.51 -3.17
N ILE B 129 -33.41 6.51 -1.94
CA ILE B 129 -32.15 7.19 -1.64
C ILE B 129 -31.17 6.17 -1.08
N ILE B 130 -30.05 5.97 -1.76
CA ILE B 130 -28.93 5.22 -1.23
C ILE B 130 -27.99 6.21 -0.57
N ASP B 131 -27.79 6.07 0.74
CA ASP B 131 -26.96 7.02 1.45
C ASP B 131 -25.78 6.32 2.10
N ASP B 132 -24.75 7.11 2.34
CA ASP B 132 -23.50 6.67 2.97
C ASP B 132 -23.13 7.78 3.96
N GLY B 133 -23.56 7.61 5.21
CA GLY B 133 -23.39 8.63 6.23
C GLY B 133 -24.66 9.37 6.58
N SER B 134 -25.72 9.19 5.81
CA SER B 134 -27.06 9.69 6.12
C SER B 134 -27.17 11.21 5.98
N ASP B 135 -26.29 11.85 5.21
CA ASP B 135 -26.39 13.30 5.00
C ASP B 135 -27.66 13.64 4.23
N VAL B 136 -27.94 12.90 3.15
CA VAL B 136 -29.05 13.29 2.29
C VAL B 136 -30.38 13.00 2.97
N VAL B 137 -30.48 11.84 3.62
CA VAL B 137 -31.69 11.49 4.33
C VAL B 137 -31.97 12.49 5.47
N ALA B 138 -30.92 12.90 6.18
CA ALA B 138 -31.12 13.91 7.24
C ALA B 138 -31.60 15.23 6.65
N THR B 139 -31.03 15.65 5.51
CA THR B 139 -31.47 16.89 4.88
C THR B 139 -32.90 16.76 4.38
N LEU B 140 -33.23 15.61 3.80
CA LEU B 140 -34.59 15.34 3.34
C LEU B 140 -35.59 15.52 4.48
N VAL B 141 -35.34 14.86 5.61
CA VAL B 141 -36.26 14.92 6.74
C VAL B 141 -36.32 16.34 7.30
N GLN B 142 -35.18 17.04 7.30
CA GLN B 142 -35.12 18.38 7.89
C GLN B 142 -35.83 19.41 7.01
N GLU B 143 -35.55 19.39 5.71
CA GLU B 143 -35.88 20.51 4.85
C GLU B 143 -36.96 20.19 3.82
N ARG B 144 -37.28 18.92 3.59
CA ARG B 144 -38.16 18.52 2.49
C ARG B 144 -39.31 17.67 3.00
N GLN B 145 -39.97 18.11 4.09
CA GLN B 145 -41.11 17.36 4.60
C GLN B 145 -42.18 17.15 3.54
N HIS B 146 -42.29 18.08 2.58
CA HIS B 146 -43.31 17.98 1.54
C HIS B 146 -42.98 16.90 0.51
N GLN B 147 -41.73 16.44 0.45
CA GLN B 147 -41.31 15.43 -0.51
C GLN B 147 -41.43 14.01 0.01
N LEU B 148 -41.78 13.82 1.29
CA LEU B 148 -41.72 12.48 1.86
C LEU B 148 -42.71 11.54 1.21
N SER B 149 -43.73 12.05 0.53
CA SER B 149 -44.66 11.20 -0.20
C SER B 149 -44.02 10.54 -1.39
N ASP B 150 -42.85 11.01 -1.84
CA ASP B 150 -42.13 10.35 -2.93
C ASP B 150 -41.39 9.10 -2.46
N ILE B 151 -41.04 9.03 -1.18
CA ILE B 151 -40.04 8.07 -0.71
C ILE B 151 -40.66 6.69 -0.59
N ILE B 152 -40.12 5.74 -1.36
CA ILE B 152 -40.45 4.33 -1.16
C ILE B 152 -39.63 3.75 -0.02
N GLY B 153 -38.35 4.11 0.04
CA GLY B 153 -37.49 3.71 1.14
C GLY B 153 -36.11 4.25 0.87
N THR B 154 -35.26 4.14 1.89
CA THR B 154 -33.87 4.51 1.79
C THR B 154 -33.00 3.35 2.25
N THR B 155 -31.70 3.45 1.97
CA THR B 155 -30.69 2.51 2.45
C THR B 155 -29.54 3.31 3.03
N GLU B 156 -28.79 2.68 3.93
CA GLU B 156 -27.63 3.31 4.56
C GLU B 156 -26.46 2.34 4.56
N GLU B 157 -25.32 2.81 4.04
CA GLU B 157 -24.16 1.98 3.78
C GLU B 157 -23.26 1.80 5.00
N THR B 158 -23.20 2.76 5.94
CA THR B 158 -22.10 2.74 6.90
C THR B 158 -22.60 2.94 8.33
N THR B 159 -21.73 2.53 9.28
CA THR B 159 -22.10 2.50 10.70
C THR B 159 -22.53 3.87 11.22
N THR B 160 -21.76 4.91 10.90
CA THR B 160 -22.12 6.28 11.30
C THR B 160 -23.53 6.63 10.85
N GLY B 161 -23.90 6.19 9.64
CA GLY B 161 -25.24 6.46 9.16
C GLY B 161 -26.32 5.72 9.93
N ILE B 162 -26.02 4.48 10.35
CA ILE B 162 -26.98 3.71 11.12
C ILE B 162 -27.24 4.38 12.46
N VAL B 163 -26.18 4.92 13.08
CA VAL B 163 -26.32 5.65 14.34
C VAL B 163 -27.22 6.87 14.16
N ARG B 164 -27.02 7.63 13.08
CA ARG B 164 -27.87 8.80 12.85
C ARG B 164 -29.32 8.39 12.63
N LEU B 165 -29.54 7.25 11.95
CA LEU B 165 -30.91 6.80 11.70
C LEU B 165 -31.61 6.38 12.98
N ARG B 166 -30.91 5.69 13.88
CA ARG B 166 -31.48 5.42 15.20
C ARG B 166 -31.85 6.71 15.93
N ALA B 167 -31.00 7.73 15.84
CA ALA B 167 -31.34 9.00 16.45
C ALA B 167 -32.57 9.61 15.80
N MET B 168 -32.69 9.49 14.47
CA MET B 168 -33.90 9.97 13.78
C MET B 168 -35.13 9.20 14.22
N PHE B 169 -34.99 7.87 14.37
CA PHE B 169 -36.12 7.06 14.81
C PHE B 169 -36.57 7.45 16.20
N ASN B 170 -35.62 7.55 17.14
CA ASN B 170 -35.95 7.88 18.53
C ASN B 170 -36.52 9.29 18.64
N ASP B 171 -36.15 10.17 17.72
CA ASP B 171 -36.71 11.52 17.65
C ASP B 171 -38.09 11.55 17.01
N GLY B 172 -38.53 10.45 16.38
CA GLY B 172 -39.84 10.36 15.79
C GLY B 172 -39.95 10.85 14.36
N VAL B 173 -38.84 11.03 13.64
CA VAL B 173 -38.87 11.57 12.28
C VAL B 173 -38.53 10.54 11.23
N LEU B 174 -38.25 9.29 11.61
CA LEU B 174 -37.98 8.25 10.64
C LEU B 174 -39.32 7.62 10.24
N THR B 175 -40.00 8.27 9.31
CA THR B 175 -41.35 7.89 8.92
C THR B 175 -41.41 7.13 7.58
N PHE B 176 -40.36 6.39 7.27
CA PHE B 176 -40.28 5.61 6.04
C PHE B 176 -39.33 4.46 6.30
N PRO B 177 -39.29 3.45 5.41
CA PRO B 177 -38.38 2.33 5.63
C PRO B 177 -36.94 2.70 5.25
N ALA B 178 -35.99 2.33 6.12
CA ALA B 178 -34.57 2.51 5.86
C ALA B 178 -33.87 1.16 6.01
N MET B 179 -33.22 0.70 4.94
CA MET B 179 -32.55 -0.59 4.95
C MET B 179 -31.16 -0.47 5.57
N ASN B 180 -30.89 -1.31 6.56
CA ASN B 180 -29.60 -1.33 7.26
C ASN B 180 -28.66 -2.23 6.46
N VAL B 181 -28.06 -1.66 5.41
CA VAL B 181 -27.08 -2.38 4.61
C VAL B 181 -25.80 -2.63 5.41
N ASN B 182 -25.37 -1.67 6.23
CA ASN B 182 -24.08 -1.81 6.91
C ASN B 182 -24.02 -3.06 7.77
N ASP B 183 -25.10 -3.37 8.49
CA ASP B 183 -25.11 -4.43 9.48
C ASP B 183 -25.42 -5.81 8.90
N ALA B 184 -25.64 -5.94 7.59
CA ALA B 184 -25.71 -7.27 7.00
C ALA B 184 -24.42 -8.01 7.26
N ASP B 185 -24.52 -9.32 7.49
CA ASP B 185 -23.31 -10.11 7.74
C ASP B 185 -22.31 -9.95 6.60
N THR B 186 -22.77 -10.06 5.35
CA THR B 186 -21.86 -9.95 4.21
C THR B 186 -21.42 -8.52 3.94
N LYS B 187 -21.87 -7.56 4.75
CA LYS B 187 -21.32 -6.21 4.68
C LYS B 187 -20.26 -6.05 5.77
N HIS B 188 -20.65 -5.84 7.03
CA HIS B 188 -19.63 -5.38 7.97
C HIS B 188 -18.68 -6.48 8.46
N PHE B 189 -18.98 -7.76 8.27
CA PHE B 189 -17.98 -8.80 8.57
C PHE B 189 -16.79 -8.75 7.64
N TYR B 190 -16.95 -8.18 6.44
CA TYR B 190 -15.91 -8.24 5.43
C TYR B 190 -15.44 -6.84 5.05
N ASP B 191 -16.29 -6.02 4.44
CA ASP B 191 -16.01 -4.61 4.17
C ASP B 191 -15.39 -3.92 5.38
N ASN B 192 -16.14 -3.84 6.49
CA ASN B 192 -15.70 -3.02 7.62
C ASN B 192 -14.39 -3.53 8.21
N ARG B 193 -14.18 -4.86 8.19
CA ARG B 193 -13.04 -5.47 8.86
C ARG B 193 -11.88 -5.66 7.89
N TYR B 194 -12.03 -6.57 6.93
CA TYR B 194 -10.90 -6.89 6.05
C TYR B 194 -10.64 -5.77 5.05
N GLY B 195 -11.69 -5.12 4.57
CA GLY B 195 -11.53 -4.01 3.67
C GLY B 195 -10.79 -2.85 4.31
N THR B 196 -11.30 -2.36 5.45
CA THR B 196 -10.67 -1.23 6.13
C THR B 196 -9.27 -1.58 6.63
N GLY B 197 -9.06 -2.82 7.06
CA GLY B 197 -7.74 -3.22 7.52
C GLY B 197 -6.68 -3.06 6.44
N GLN B 198 -7.00 -3.48 5.20
CA GLN B 198 -6.01 -3.28 4.14
C GLN B 198 -5.99 -1.83 3.62
N SER B 199 -7.17 -1.28 3.34
CA SER B 199 -7.18 -0.01 2.63
C SER B 199 -6.76 1.16 3.50
N THR B 200 -6.93 1.06 4.83
CA THR B 200 -6.46 2.12 5.71
C THR B 200 -4.93 2.21 5.70
N LEU B 201 -4.26 1.07 5.85
CA LEU B 201 -2.80 1.05 5.79
C LEU B 201 -2.32 1.48 4.42
N ASP B 202 -3.05 1.06 3.37
CA ASP B 202 -2.75 1.49 2.01
C ASP B 202 -2.72 3.02 1.92
N GLY B 203 -3.75 3.68 2.45
CA GLY B 203 -3.78 5.14 2.38
C GLY B 203 -2.66 5.81 3.15
N ILE B 204 -2.34 5.26 4.33
CA ILE B 204 -1.24 5.80 5.11
C ILE B 204 0.07 5.69 4.35
N ILE B 205 0.31 4.55 3.72
CA ILE B 205 1.57 4.30 3.03
C ILE B 205 1.65 5.10 1.73
N ARG B 206 0.57 5.17 0.96
CA ARG B 206 0.60 6.01 -0.24
C ARG B 206 0.86 7.47 0.10
N ALA B 207 0.34 7.96 1.23
CA ALA B 207 0.57 9.35 1.60
C ALA B 207 2.00 9.56 2.11
N THR B 208 2.53 8.64 2.93
CA THR B 208 3.75 8.89 3.68
C THR B 208 4.94 8.02 3.32
N ASN B 209 4.73 6.86 2.68
CA ASN B 209 5.77 5.88 2.40
C ASN B 209 6.43 5.37 3.67
N ILE B 210 5.78 5.51 4.82
CA ILE B 210 6.39 5.13 6.09
C ILE B 210 6.49 3.61 6.21
N LEU B 211 7.58 3.16 6.84
CA LEU B 211 7.70 1.75 7.25
C LEU B 211 6.83 1.52 8.47
N LEU B 212 5.87 0.59 8.35
CA LEU B 212 5.01 0.31 9.49
C LEU B 212 5.72 -0.55 10.54
N ALA B 213 6.63 -1.42 10.11
CA ALA B 213 7.31 -2.30 11.06
C ALA B 213 8.10 -1.47 12.06
N GLY B 214 7.97 -1.82 13.34
CA GLY B 214 8.69 -1.11 14.37
C GLY B 214 8.00 0.13 14.88
N LYS B 215 6.92 0.57 14.24
CA LYS B 215 6.17 1.71 14.74
C LYS B 215 5.13 1.28 15.77
N THR B 216 4.82 2.18 16.71
CA THR B 216 3.67 1.99 17.59
C THR B 216 2.46 2.64 16.95
N ILE B 217 1.43 1.84 16.71
CA ILE B 217 0.22 2.30 16.04
C ILE B 217 -0.94 2.18 17.02
N VAL B 218 -1.61 3.30 17.26
CA VAL B 218 -2.73 3.37 18.18
C VAL B 218 -4.01 3.32 17.36
N VAL B 219 -4.84 2.32 17.64
CA VAL B 219 -6.11 2.13 16.95
C VAL B 219 -7.19 2.49 17.96
N ALA B 220 -7.97 3.53 17.66
CA ALA B 220 -9.05 3.92 18.54
C ALA B 220 -10.32 3.20 18.10
N GLY B 221 -10.84 2.35 18.98
CA GLY B 221 -12.01 1.56 18.64
C GLY B 221 -11.65 0.15 18.22
N TYR B 222 -12.34 -0.84 18.77
CA TYR B 222 -12.10 -2.25 18.41
C TYR B 222 -13.40 -2.90 18.00
N GLY B 223 -14.18 -2.19 17.17
CA GLY B 223 -15.31 -2.78 16.49
C GLY B 223 -14.83 -3.53 15.25
N TRP B 224 -15.72 -3.62 14.26
CA TRP B 224 -15.33 -4.33 13.04
C TRP B 224 -14.15 -3.65 12.35
N CYS B 225 -14.20 -2.33 12.23
CA CYS B 225 -13.10 -1.62 11.58
C CYS B 225 -11.82 -1.70 12.42
N GLY B 226 -11.91 -1.43 13.72
CA GLY B 226 -10.74 -1.47 14.57
C GLY B 226 -10.07 -2.84 14.59
N LYS B 227 -10.88 -3.91 14.66
CA LYS B 227 -10.32 -5.26 14.57
C LYS B 227 -9.54 -5.44 13.28
N GLY B 228 -10.09 -4.96 12.15
CA GLY B 228 -9.39 -5.08 10.89
C GLY B 228 -8.10 -4.28 10.85
N VAL B 229 -8.15 -3.01 11.27
CA VAL B 229 -6.95 -2.17 11.23
C VAL B 229 -5.85 -2.74 12.14
N ALA B 230 -6.22 -3.10 13.37
CA ALA B 230 -5.25 -3.67 14.30
C ALA B 230 -4.62 -4.95 13.75
N MET B 231 -5.46 -5.84 13.18
CA MET B 231 -4.98 -7.11 12.64
C MET B 231 -3.97 -6.89 11.52
N ARG B 232 -4.22 -5.93 10.64
CA ARG B 232 -3.27 -5.72 9.55
C ARG B 232 -2.06 -4.91 10.00
N ALA B 233 -2.24 -3.97 10.93
CA ALA B 233 -1.08 -3.28 11.48
C ALA B 233 -0.12 -4.27 12.13
N LYS B 234 -0.67 -5.19 12.93
CA LYS B 234 0.14 -6.27 13.49
C LYS B 234 0.82 -7.07 12.39
N GLY B 235 0.06 -7.44 11.36
CA GLY B 235 0.62 -8.21 10.26
C GLY B 235 1.76 -7.50 9.54
N MET B 236 1.78 -6.17 9.57
CA MET B 236 2.87 -5.43 8.95
C MET B 236 4.01 -5.11 9.92
N GLY B 237 3.98 -5.71 11.12
CA GLY B 237 5.10 -5.57 12.04
C GLY B 237 5.00 -4.44 13.03
N ALA B 238 3.84 -3.82 13.17
CA ALA B 238 3.68 -2.72 14.12
C ALA B 238 3.40 -3.25 15.52
N ASP B 239 3.80 -2.45 16.51
CA ASP B 239 3.37 -2.62 17.89
C ASP B 239 2.02 -1.91 18.04
N VAL B 240 0.96 -2.63 18.40
CA VAL B 240 -0.39 -2.08 18.31
C VAL B 240 -0.97 -1.80 19.70
N ILE B 241 -1.46 -0.56 19.88
CA ILE B 241 -2.23 -0.20 21.07
C ILE B 241 -3.68 0.01 20.64
N VAL B 242 -4.62 -0.46 21.44
CA VAL B 242 -6.04 -0.29 21.15
C VAL B 242 -6.67 0.53 22.27
N THR B 243 -7.52 1.50 21.92
CA THR B 243 -8.34 2.16 22.92
C THR B 243 -9.80 1.80 22.69
N GLU B 244 -10.60 1.92 23.76
CA GLU B 244 -12.00 1.51 23.72
C GLU B 244 -12.80 2.28 24.77
N ILE B 245 -14.12 2.13 24.68
CA ILE B 245 -15.03 2.55 25.74
C ILE B 245 -15.86 1.40 26.30
N SER B 246 -15.78 0.19 25.74
CA SER B 246 -16.60 -0.92 26.23
C SER B 246 -15.74 -2.14 26.58
N PRO B 247 -16.09 -2.83 27.66
CA PRO B 247 -15.20 -3.89 28.14
C PRO B 247 -15.13 -5.13 27.26
N VAL B 248 -16.22 -5.52 26.60
CA VAL B 248 -16.17 -6.76 25.81
C VAL B 248 -15.13 -6.63 24.71
N PRO B 249 -15.18 -5.62 23.83
CA PRO B 249 -14.11 -5.53 22.82
C PRO B 249 -12.73 -5.26 23.42
N ALA B 250 -12.64 -4.58 24.58
CA ALA B 250 -11.34 -4.38 25.20
C ALA B 250 -10.69 -5.70 25.62
N ILE B 251 -11.48 -6.62 26.17
CA ILE B 251 -10.92 -7.93 26.52
C ILE B 251 -10.49 -8.68 25.26
N GLU B 252 -11.28 -8.59 24.18
CA GLU B 252 -10.91 -9.24 22.92
C GLU B 252 -9.54 -8.76 22.44
N ALA B 253 -9.35 -7.42 22.44
CA ALA B 253 -8.09 -6.86 21.96
C ALA B 253 -6.91 -7.36 22.78
N ALA B 254 -7.08 -7.44 24.10
CA ALA B 254 -6.02 -7.98 24.94
C ALA B 254 -5.73 -9.44 24.61
N MET B 255 -6.77 -10.25 24.44
CA MET B 255 -6.54 -11.66 24.12
C MET B 255 -6.08 -11.85 22.69
N ASP B 256 -6.24 -10.84 21.83
CA ASP B 256 -5.63 -10.84 20.50
C ASP B 256 -4.17 -10.37 20.52
N GLY B 257 -3.62 -10.09 21.70
CA GLY B 257 -2.23 -9.72 21.82
C GLY B 257 -1.93 -8.23 21.76
N PHE B 258 -2.93 -7.36 21.85
CA PHE B 258 -2.71 -5.93 21.76
C PHE B 258 -2.74 -5.28 23.15
N ARG B 259 -2.01 -4.18 23.28
CA ARG B 259 -2.05 -3.41 24.51
C ARG B 259 -3.29 -2.53 24.52
N VAL B 260 -4.06 -2.60 25.59
CA VAL B 260 -5.25 -1.76 25.74
C VAL B 260 -4.99 -0.74 26.86
N MET B 261 -5.34 0.53 26.60
CA MET B 261 -5.09 1.57 27.58
C MET B 261 -5.94 2.80 27.21
N PRO B 262 -6.12 3.75 28.14
CA PRO B 262 -6.82 4.98 27.78
C PRO B 262 -6.01 5.80 26.80
N MET B 263 -6.73 6.57 25.95
CA MET B 263 -6.04 7.38 24.95
C MET B 263 -5.03 8.35 25.58
N ALA B 264 -5.29 8.84 26.79
CA ALA B 264 -4.33 9.75 27.41
C ALA B 264 -2.98 9.06 27.68
N GLU B 265 -3.01 7.74 27.91
CA GLU B 265 -1.77 7.00 28.07
C GLU B 265 -1.15 6.65 26.73
N ALA B 266 -1.98 6.34 25.72
CA ALA B 266 -1.47 6.04 24.38
C ALA B 266 -0.85 7.26 23.73
N ALA B 267 -1.36 8.45 24.04
CA ALA B 267 -0.93 9.65 23.32
C ALA B 267 0.58 9.88 23.40
N HIS B 268 1.20 9.51 24.52
CA HIS B 268 2.65 9.74 24.56
CA HIS B 268 2.65 9.64 24.71
C HIS B 268 3.45 8.64 23.87
N GLN B 269 2.81 7.56 23.41
CA GLN B 269 3.53 6.42 22.88
C GLN B 269 3.40 6.23 21.38
N GLY B 270 2.31 6.70 20.78
CA GLY B 270 2.00 6.31 19.41
C GLY B 270 2.86 7.06 18.41
N ASP B 271 3.30 6.33 17.38
CA ASP B 271 3.89 6.94 16.19
C ASP B 271 2.83 7.27 15.15
N ILE B 272 1.78 6.45 15.08
CA ILE B 272 0.66 6.63 14.16
C ILE B 272 -0.62 6.42 14.95
N PHE B 273 -1.59 7.32 14.80
CA PHE B 273 -2.90 7.21 15.43
C PHE B 273 -3.95 7.07 14.35
N ILE B 274 -4.86 6.10 14.52
CA ILE B 274 -5.91 5.82 13.54
C ILE B 274 -7.23 5.72 14.28
N THR B 275 -8.16 6.63 13.99
CA THR B 275 -9.46 6.63 14.65
C THR B 275 -10.48 5.86 13.82
N VAL B 276 -11.17 4.91 14.46
CA VAL B 276 -12.24 4.16 13.81
C VAL B 276 -13.35 3.91 14.82
N THR B 277 -13.86 4.98 15.44
CA THR B 277 -14.84 4.84 16.52
C THR B 277 -16.26 5.18 16.11
N GLY B 278 -16.45 6.05 15.10
CA GLY B 278 -17.74 6.64 14.84
C GLY B 278 -18.10 7.82 15.73
N ASN B 279 -17.26 8.19 16.69
CA ASN B 279 -17.60 9.22 17.66
C ASN B 279 -16.72 10.46 17.49
N LYS B 280 -17.14 11.53 18.17
CA LYS B 280 -16.56 12.86 18.00
C LYS B 280 -15.40 13.10 18.96
N HIS B 281 -14.33 13.71 18.44
CA HIS B 281 -13.24 14.23 19.26
C HIS B 281 -12.64 13.14 20.14
N VAL B 282 -12.25 12.04 19.50
CA VAL B 282 -11.57 10.96 20.17
C VAL B 282 -10.10 11.29 20.38
N ILE B 283 -9.52 12.10 19.50
CA ILE B 283 -8.18 12.62 19.69
C ILE B 283 -8.30 14.12 19.86
N ARG B 284 -7.77 14.62 20.97
CA ARG B 284 -8.11 15.89 21.59
C ARG B 284 -6.86 16.71 21.83
N PRO B 285 -7.02 18.03 22.08
CA PRO B 285 -5.82 18.88 22.29
C PRO B 285 -4.94 18.43 23.43
N GLU B 286 -5.51 17.87 24.51
CA GLU B 286 -4.67 17.36 25.59
C GLU B 286 -3.87 16.14 25.15
N HIS B 287 -4.27 15.46 24.07
CA HIS B 287 -3.45 14.39 23.50
C HIS B 287 -2.36 14.95 22.60
N PHE B 288 -2.72 15.88 21.71
CA PHE B 288 -1.72 16.52 20.84
C PHE B 288 -0.53 17.04 21.64
N ALA B 289 -0.80 17.66 22.79
CA ALA B 289 0.26 18.33 23.55
C ALA B 289 1.31 17.36 24.09
N VAL B 290 1.03 16.06 24.17
CA VAL B 290 1.99 15.10 24.71
C VAL B 290 2.47 14.10 23.66
N MET B 291 2.08 14.27 22.40
CA MET B 291 2.50 13.34 21.36
C MET B 291 3.98 13.48 21.03
N LYS B 292 4.55 12.37 20.54
CA LYS B 292 5.92 12.37 20.06
C LYS B 292 6.08 13.34 18.90
N ASP B 293 7.26 13.94 18.81
CA ASP B 293 7.59 14.80 17.69
C ASP B 293 7.48 14.02 16.38
N GLY B 294 6.58 14.43 15.49
CA GLY B 294 6.42 13.76 14.23
C GLY B 294 5.34 12.70 14.22
N ALA B 295 4.57 12.58 15.29
CA ALA B 295 3.49 11.59 15.32
C ALA B 295 2.51 11.88 14.20
N ILE B 296 1.99 10.81 13.59
CA ILE B 296 1.05 10.90 12.48
C ILE B 296 -0.34 10.61 12.99
N VAL B 297 -1.33 11.44 12.62
CA VAL B 297 -2.71 11.15 12.99
C VAL B 297 -3.56 11.09 11.73
N CYS B 298 -4.48 10.13 11.69
CA CYS B 298 -5.41 10.01 10.59
C CYS B 298 -6.67 9.33 11.11
N ASN B 299 -7.69 9.35 10.27
CA ASN B 299 -9.03 8.90 10.63
C ASN B 299 -9.56 8.00 9.54
N SER B 300 -10.19 6.89 9.95
CA SER B 300 -10.89 6.03 9.02
C SER B 300 -12.37 5.88 9.35
N GLY B 301 -12.86 6.55 10.39
CA GLY B 301 -14.30 6.65 10.58
C GLY B 301 -14.91 7.55 9.54
N HIS B 302 -16.23 7.45 9.37
CA HIS B 302 -16.88 8.13 8.25
C HIS B 302 -16.63 9.65 8.24
N PHE B 303 -16.57 10.28 9.40
CA PHE B 303 -16.47 11.75 9.48
C PHE B 303 -15.16 12.15 10.13
N ASP B 304 -14.56 13.25 9.64
CA ASP B 304 -13.28 13.71 10.17
C ASP B 304 -13.36 14.19 11.62
N ILE B 305 -14.57 14.41 12.15
CA ILE B 305 -14.77 14.91 13.50
C ILE B 305 -14.18 14.02 14.59
N GLU B 306 -13.72 12.80 14.24
CA GLU B 306 -13.09 11.95 15.24
C GLU B 306 -11.82 12.56 15.78
N ILE B 307 -11.15 13.40 14.99
CA ILE B 307 -9.96 14.13 15.43
C ILE B 307 -10.33 15.59 15.57
N ASP B 308 -9.98 16.19 16.72
CA ASP B 308 -10.31 17.61 16.95
C ASP B 308 -9.29 18.50 16.23
N LEU B 309 -9.42 18.54 14.89
CA LEU B 309 -8.50 19.33 14.08
C LEU B 309 -8.67 20.83 14.31
N LYS B 310 -9.88 21.29 14.66
CA LYS B 310 -10.05 22.70 14.97
C LYS B 310 -9.13 23.14 16.11
N SER B 311 -9.03 22.33 17.17
CA SER B 311 -8.15 22.65 18.27
C SER B 311 -6.68 22.55 17.87
N LEU B 312 -6.33 21.50 17.12
CA LEU B 312 -4.96 21.42 16.63
C LEU B 312 -4.54 22.68 15.88
N LYS B 313 -5.43 23.20 15.03
CA LYS B 313 -5.10 24.40 14.26
C LYS B 313 -4.79 25.59 15.15
N GLU B 314 -5.42 25.70 16.32
CA GLU B 314 -5.13 26.84 17.18
C GLU B 314 -3.99 26.58 18.16
N GLN B 315 -3.68 25.33 18.47
CA GLN B 315 -2.46 25.01 19.19
C GLN B 315 -1.22 25.27 18.34
N ALA B 316 -1.31 25.08 17.03
CA ALA B 316 -0.13 25.14 16.18
C ALA B 316 0.21 26.59 15.84
N LYS B 317 1.51 26.90 15.79
CA LYS B 317 1.91 28.20 15.30
C LYS B 317 2.02 28.22 13.77
N GLU B 318 2.05 27.05 13.13
CA GLU B 318 2.27 27.00 11.69
C GLU B 318 1.74 25.67 11.14
N VAL B 319 1.16 25.73 9.95
CA VAL B 319 0.80 24.51 9.24
C VAL B 319 1.35 24.61 7.82
N LYS B 320 1.92 23.52 7.32
CA LYS B 320 2.48 23.46 5.98
C LYS B 320 2.04 22.17 5.30
N GLU B 321 1.79 22.23 4.00
CA GLU B 321 1.67 20.99 3.24
C GLU B 321 3.07 20.51 2.89
N VAL B 322 3.41 19.31 3.34
CA VAL B 322 4.76 18.77 3.18
C VAL B 322 4.80 17.58 2.23
N ARG B 323 3.66 17.14 1.71
CA ARG B 323 3.54 16.09 0.70
C ARG B 323 2.07 16.06 0.29
N ASN B 324 1.78 15.38 -0.82
CA ASN B 324 0.39 15.13 -1.16
C ASN B 324 -0.32 14.48 0.02
N PHE B 325 -1.49 15.00 0.37
CA PHE B 325 -2.36 14.49 1.42
C PHE B 325 -1.77 14.63 2.82
N THR B 326 -0.69 15.38 2.99
CA THR B 326 0.08 15.38 4.24
C THR B 326 0.33 16.81 4.68
N GLU B 327 -0.11 17.15 5.89
CA GLU B 327 0.08 18.47 6.51
C GLU B 327 0.94 18.35 7.75
N GLN B 328 1.85 19.30 7.94
CA GLN B 328 2.67 19.35 9.14
C GLN B 328 2.26 20.55 9.99
N TYR B 329 1.76 20.25 11.19
CA TYR B 329 1.43 21.26 12.19
C TYR B 329 2.60 21.38 13.15
N ILE B 330 3.20 22.57 13.23
CA ILE B 330 4.31 22.82 14.14
C ILE B 330 3.79 23.59 15.34
N LEU B 331 4.08 23.08 16.53
CA LEU B 331 3.63 23.68 17.78
C LEU B 331 4.67 24.66 18.30
N PRO B 332 4.28 25.56 19.21
CA PRO B 332 5.24 26.58 19.68
C PRO B 332 6.54 26.00 20.24
N ASN B 333 6.51 24.80 20.80
CA ASN B 333 7.74 24.18 21.28
C ASN B 333 8.56 23.56 20.15
N GLY B 334 8.11 23.68 18.90
CA GLY B 334 8.85 23.16 17.77
C GLY B 334 8.53 21.71 17.41
N LYS B 335 7.77 21.00 18.23
CA LYS B 335 7.34 19.65 17.86
C LYS B 335 6.28 19.70 16.76
N SER B 336 6.16 18.62 16.01
CA SER B 336 5.24 18.55 14.89
CA SER B 336 5.26 18.53 14.87
C SER B 336 4.23 17.43 15.06
N ILE B 337 3.04 17.65 14.51
CA ILE B 337 2.01 16.64 14.35
C ILE B 337 1.71 16.54 12.86
N ILE B 338 1.73 15.33 12.32
CA ILE B 338 1.42 15.11 10.90
C ILE B 338 -0.02 14.64 10.79
N VAL B 339 -0.78 15.30 9.92
CA VAL B 339 -2.17 14.93 9.66
C VAL B 339 -2.26 14.48 8.21
N ILE B 340 -2.93 13.35 7.97
CA ILE B 340 -3.12 12.83 6.61
C ILE B 340 -4.54 13.09 6.17
N GLY B 341 -4.69 13.56 4.93
CA GLY B 341 -6.00 13.68 4.32
C GLY B 341 -6.93 14.64 5.03
N GLU B 342 -6.40 15.62 5.75
CA GLU B 342 -7.20 16.58 6.51
C GLU B 342 -8.17 15.88 7.45
N GLY B 343 -7.79 14.70 7.92
CA GLY B 343 -8.65 13.90 8.79
C GLY B 343 -9.80 13.21 8.12
N ARG B 344 -9.91 13.29 6.79
CA ARG B 344 -10.95 12.55 6.09
C ARG B 344 -10.53 11.09 5.93
N LEU B 345 -11.54 10.22 5.75
CA LEU B 345 -11.38 8.78 5.58
C LEU B 345 -10.08 8.44 4.87
N VAL B 346 -9.06 7.99 5.59
CA VAL B 346 -7.73 7.98 5.00
C VAL B 346 -7.62 6.97 3.86
N ASN B 347 -8.40 5.87 3.90
CA ASN B 347 -8.33 4.87 2.84
C ASN B 347 -8.85 5.43 1.52
N LEU B 348 -9.86 6.29 1.57
CA LEU B 348 -10.42 6.88 0.37
C LEU B 348 -9.82 8.23 0.01
N ALA B 349 -9.25 8.95 0.98
CA ALA B 349 -8.67 10.25 0.65
C ALA B 349 -7.26 10.10 0.10
N ALA B 350 -6.46 9.18 0.66
CA ALA B 350 -5.09 9.03 0.22
C ALA B 350 -4.86 7.80 -0.64
N ALA B 351 -5.87 6.95 -0.84
CA ALA B 351 -5.75 5.82 -1.73
C ALA B 351 -7.05 5.64 -2.51
N THR B 352 -7.49 4.40 -2.72
CA THR B 352 -8.69 4.19 -3.53
C THR B 352 -9.79 3.47 -2.75
N GLY B 353 -9.76 3.53 -1.42
CA GLY B 353 -10.77 2.82 -0.66
C GLY B 353 -10.58 1.30 -0.64
N HIS B 354 -11.62 0.61 -0.18
CA HIS B 354 -11.62 -0.85 -0.11
C HIS B 354 -11.38 -1.49 -1.48
N PRO B 355 -10.74 -2.66 -1.52
CA PRO B 355 -10.72 -3.45 -2.76
C PRO B 355 -12.12 -3.78 -3.24
N SER B 356 -12.25 -3.96 -4.56
CA SER B 356 -13.55 -4.29 -5.11
C SER B 356 -14.06 -5.66 -4.64
N ALA B 357 -13.17 -6.56 -4.17
CA ALA B 357 -13.65 -7.86 -3.72
C ALA B 357 -14.68 -7.74 -2.59
N VAL B 358 -14.42 -6.85 -1.62
CA VAL B 358 -15.38 -6.69 -0.52
C VAL B 358 -16.54 -5.78 -0.90
N MET B 359 -16.30 -4.77 -1.75
CA MET B 359 -17.43 -3.94 -2.17
C MET B 359 -18.42 -4.72 -3.03
N ASP B 360 -17.98 -5.80 -3.67
CA ASP B 360 -18.91 -6.70 -4.35
C ASP B 360 -20.05 -7.09 -3.41
N MET B 361 -19.70 -7.51 -2.20
CA MET B 361 -20.70 -7.94 -1.24
C MET B 361 -21.48 -6.75 -0.65
N SER B 362 -20.78 -5.67 -0.29
CA SER B 362 -21.47 -4.50 0.24
C SER B 362 -22.47 -3.96 -0.76
N PHE B 363 -22.08 -3.91 -2.03
CA PHE B 363 -22.95 -3.28 -3.03
C PHE B 363 -23.94 -4.25 -3.64
N ALA B 364 -23.69 -5.57 -3.56
CA ALA B 364 -24.77 -6.53 -3.79
C ALA B 364 -25.89 -6.33 -2.78
N ASN B 365 -25.53 -6.12 -1.51
CA ASN B 365 -26.54 -5.78 -0.51
C ASN B 365 -27.28 -4.51 -0.88
N GLN B 366 -26.56 -3.47 -1.32
CA GLN B 366 -27.21 -2.23 -1.73
C GLN B 366 -28.22 -2.46 -2.84
N ALA B 367 -27.81 -3.20 -3.87
CA ALA B 367 -28.69 -3.44 -5.02
C ALA B 367 -29.93 -4.21 -4.62
N LEU B 368 -29.75 -5.28 -3.83
CA LEU B 368 -30.88 -6.11 -3.43
C LEU B 368 -31.75 -5.44 -2.38
N ALA B 369 -31.17 -4.53 -1.59
CA ALA B 369 -31.97 -3.76 -0.64
C ALA B 369 -32.91 -2.81 -1.37
N CYS B 370 -32.41 -2.12 -2.40
CA CYS B 370 -33.27 -1.29 -3.24
C CYS B 370 -34.38 -2.11 -3.87
N GLU B 371 -34.04 -3.28 -4.42
CA GLU B 371 -35.06 -4.17 -4.97
C GLU B 371 -36.08 -4.57 -3.90
N HIS B 372 -35.61 -4.90 -2.69
CA HIS B 372 -36.51 -5.22 -1.59
C HIS B 372 -37.46 -4.06 -1.31
N LEU B 373 -36.95 -2.82 -1.32
CA LEU B 373 -37.81 -1.66 -1.06
C LEU B 373 -38.89 -1.54 -2.12
N VAL B 374 -38.51 -1.70 -3.40
CA VAL B 374 -39.47 -1.51 -4.48
C VAL B 374 -40.52 -2.62 -4.46
N LYS B 375 -40.08 -3.87 -4.33
CA LYS B 375 -41.05 -4.95 -4.40
C LYS B 375 -42.00 -4.95 -3.22
N ASN B 376 -41.62 -4.29 -2.12
CA ASN B 376 -42.47 -4.17 -0.95
C ASN B 376 -43.05 -2.77 -0.79
N LYS B 377 -43.17 -2.03 -1.89
CA LYS B 377 -43.69 -0.67 -1.82
C LYS B 377 -45.07 -0.67 -1.16
N GLY B 378 -45.27 0.30 -0.24
CA GLY B 378 -46.52 0.40 0.48
C GLY B 378 -46.76 -0.69 1.50
N GLN B 379 -45.78 -1.55 1.78
CA GLN B 379 -45.99 -2.69 2.66
C GLN B 379 -45.02 -2.74 3.84
N LEU B 380 -44.04 -1.84 3.91
CA LEU B 380 -43.04 -1.88 4.97
C LEU B 380 -43.38 -0.89 6.07
N GLU B 381 -43.18 -1.30 7.32
CA GLU B 381 -43.34 -0.39 8.44
C GLU B 381 -42.28 0.72 8.35
N PRO B 382 -42.59 1.91 8.85
CA PRO B 382 -41.56 2.94 8.99
C PRO B 382 -40.51 2.51 10.02
N GLY B 383 -39.27 2.96 9.79
CA GLY B 383 -38.15 2.65 10.65
C GLY B 383 -37.08 1.87 9.93
N MET B 384 -36.17 1.30 10.71
CA MET B 384 -35.05 0.55 10.14
C MET B 384 -35.40 -0.92 9.96
N HIS B 385 -34.98 -1.47 8.83
CA HIS B 385 -35.14 -2.89 8.53
C HIS B 385 -33.77 -3.49 8.25
N SER B 386 -33.53 -4.66 8.82
CA SER B 386 -32.29 -5.34 8.48
C SER B 386 -32.45 -6.05 7.13
N ILE B 387 -31.30 -6.33 6.50
CA ILE B 387 -31.33 -7.11 5.26
C ILE B 387 -31.92 -8.48 5.54
N PRO B 388 -32.89 -8.95 4.76
CA PRO B 388 -33.44 -10.29 4.99
C PRO B 388 -32.34 -11.35 5.02
N VAL B 389 -32.49 -12.29 5.95
CA VAL B 389 -31.47 -13.31 6.16
C VAL B 389 -31.21 -14.09 4.87
N GLU B 390 -32.26 -14.42 4.13
CA GLU B 390 -32.08 -15.21 2.91
C GLU B 390 -31.29 -14.44 1.87
N VAL B 391 -31.43 -13.11 1.83
CA VAL B 391 -30.64 -12.29 0.91
C VAL B 391 -29.17 -12.30 1.33
N ASP B 392 -28.94 -12.01 2.61
CA ASP B 392 -27.60 -11.97 3.17
C ASP B 392 -26.88 -13.31 2.92
N GLN B 393 -27.56 -14.41 3.20
CA GLN B 393 -26.94 -15.73 3.03
C GLN B 393 -26.67 -16.04 1.56
N GLU B 394 -27.57 -15.62 0.66
CA GLU B 394 -27.36 -15.90 -0.75
C GLU B 394 -26.16 -15.14 -1.30
N ILE B 395 -25.94 -13.90 -0.86
CA ILE B 395 -24.74 -13.15 -1.24
C ILE B 395 -23.49 -13.91 -0.82
N ALA B 396 -23.49 -14.46 0.40
CA ALA B 396 -22.32 -15.20 0.88
C ALA B 396 -22.11 -16.49 0.09
N ARG B 397 -23.19 -17.17 -0.26
CA ARG B 397 -23.08 -18.38 -1.08
C ARG B 397 -22.47 -18.05 -2.43
N LEU B 398 -22.97 -17.01 -3.10
CA LEU B 398 -22.48 -16.66 -4.42
C LEU B 398 -21.03 -16.18 -4.35
N LYS B 399 -20.67 -15.45 -3.29
CA LYS B 399 -19.29 -14.97 -3.19
C LYS B 399 -18.32 -16.12 -2.98
N LEU B 400 -18.64 -17.01 -2.04
CA LEU B 400 -17.79 -18.18 -1.82
C LEU B 400 -17.62 -18.98 -3.10
N GLN B 401 -18.72 -19.23 -3.81
CA GLN B 401 -18.64 -19.91 -5.09
C GLN B 401 -17.71 -19.17 -6.04
N ALA B 402 -17.84 -17.85 -6.12
CA ALA B 402 -17.03 -17.08 -7.05
C ALA B 402 -15.55 -17.08 -6.65
N MET B 403 -15.26 -17.18 -5.35
CA MET B 403 -13.87 -17.32 -4.94
C MET B 403 -13.31 -18.71 -5.20
N GLY B 404 -14.10 -19.65 -5.74
CA GLY B 404 -13.59 -20.96 -6.06
C GLY B 404 -13.44 -21.88 -4.88
N ILE B 405 -14.17 -21.62 -3.79
CA ILE B 405 -14.07 -22.37 -2.57
C ILE B 405 -15.30 -23.26 -2.46
N ALA B 406 -15.07 -24.54 -2.16
CA ALA B 406 -16.13 -25.51 -1.95
C ALA B 406 -16.12 -25.96 -0.49
N ILE B 407 -17.32 -26.15 0.07
CA ILE B 407 -17.46 -26.59 1.44
C ILE B 407 -18.41 -27.78 1.48
N ASP B 408 -18.68 -28.25 2.68
CA ASP B 408 -19.50 -29.42 2.91
C ASP B 408 -20.96 -29.04 3.13
N SER B 409 -21.81 -30.05 3.13
CA SER B 409 -23.22 -29.93 3.49
CA SER B 409 -23.21 -29.91 3.51
C SER B 409 -23.60 -31.11 4.35
N LEU B 410 -24.59 -30.90 5.23
CA LEU B 410 -24.97 -31.97 6.14
C LEU B 410 -25.66 -33.12 5.41
N THR B 411 -25.41 -34.34 5.89
CA THR B 411 -26.12 -35.51 5.39
C THR B 411 -27.47 -35.60 6.09
N PRO B 412 -28.40 -36.40 5.56
CA PRO B 412 -29.68 -36.58 6.26
C PRO B 412 -29.53 -37.04 7.70
N GLU B 413 -28.58 -37.95 7.98
CA GLU B 413 -28.42 -38.40 9.36
C GLU B 413 -27.88 -37.28 10.25
N GLN B 414 -27.00 -36.43 9.73
CA GLN B 414 -26.52 -35.32 10.54
C GLN B 414 -27.64 -34.34 10.86
N VAL B 415 -28.54 -34.10 9.91
CA VAL B 415 -29.72 -33.27 10.19
C VAL B 415 -30.59 -33.90 11.27
N GLU B 416 -30.79 -35.23 11.23
CA GLU B 416 -31.59 -35.88 12.25
C GLU B 416 -30.97 -35.74 13.64
N TYR B 417 -29.64 -35.84 13.72
CA TYR B 417 -28.96 -35.73 15.01
C TYR B 417 -29.20 -34.35 15.63
N ILE B 418 -29.25 -33.31 14.80
CA ILE B 418 -29.50 -31.95 15.29
C ILE B 418 -30.85 -31.86 16.00
N ASN B 419 -31.84 -32.61 15.54
CA ASN B 419 -33.19 -32.50 16.07
C ASN B 419 -33.50 -33.52 17.14
N SER B 420 -32.58 -34.44 17.41
CA SER B 420 -32.75 -35.34 18.55
C SER B 420 -32.15 -34.69 19.78
N TRP B 421 -32.88 -34.74 20.89
CA TRP B 421 -32.36 -34.26 22.15
C TRP B 421 -32.14 -35.36 23.16
N ALA B 422 -32.75 -36.53 22.97
CA ALA B 422 -32.52 -37.64 23.87
C ALA B 422 -31.15 -38.26 23.67
N SER B 423 -30.46 -37.92 22.57
CA SER B 423 -29.21 -38.57 22.17
C SER B 423 -28.03 -37.86 22.84
N GLY B 424 -27.53 -38.45 23.93
CA GLY B 424 -26.37 -37.93 24.62
C GLY B 424 -25.46 -39.04 25.10
N THR B 425 -24.98 -38.90 26.33
CA THR B 425 -24.22 -39.88 27.15
C THR B 425 -22.85 -39.31 27.51
PA NAD C . 19.11 -14.64 -0.90
O1A NAD C . 19.08 -14.33 0.55
O2A NAD C . 20.44 -15.19 -1.37
O5B NAD C . 17.91 -15.63 -1.23
C5B NAD C . 17.58 -16.14 -2.54
C4B NAD C . 16.81 -17.40 -2.24
O4B NAD C . 16.19 -17.87 -3.45
C3B NAD C . 17.67 -18.56 -1.70
O3B NAD C . 17.09 -19.09 -0.51
C2B NAD C . 17.69 -19.56 -2.87
O2B NAD C . 17.76 -20.93 -2.46
C1B NAD C . 16.34 -19.27 -3.51
N9A NAD C . 16.24 -19.67 -4.90
C8A NAD C . 17.19 -19.54 -5.87
N7A NAD C . 16.81 -19.97 -7.05
C5A NAD C . 15.52 -20.42 -6.84
C6A NAD C . 14.56 -20.98 -7.70
N6A NAD C . 14.80 -21.28 -8.98
N1A NAD C . 13.34 -21.25 -7.19
C2A NAD C . 13.12 -21.01 -5.89
N3A NAD C . 13.96 -20.52 -4.98
C4A NAD C . 15.15 -20.24 -5.53
O3 NAD C . 18.76 -13.38 -1.79
PN NAD C . 17.91 -12.09 -1.40
O1N NAD C . 18.77 -11.23 -0.54
O2N NAD C . 16.60 -12.54 -0.87
O5D NAD C . 17.71 -11.41 -2.82
C5D NAD C . 16.87 -12.02 -3.83
C4D NAD C . 16.73 -11.06 -4.98
O4D NAD C . 16.05 -9.86 -4.56
C3D NAD C . 18.04 -10.59 -5.63
O3D NAD C . 17.86 -10.46 -7.03
C2D NAD C . 18.26 -9.22 -4.97
O2D NAD C . 19.14 -8.40 -5.73
C1D NAD C . 16.81 -8.74 -4.96
N1N NAD C . 16.53 -7.62 -4.02
C2N NAD C . 15.54 -6.78 -4.39
C3N NAD C . 15.13 -5.77 -3.55
C7N NAD C . 14.00 -4.86 -3.93
O7N NAD C . 13.93 -3.73 -3.40
N7N NAD C . 13.24 -5.21 -4.97
C4N NAD C . 15.74 -5.67 -2.29
C5N NAD C . 16.76 -6.53 -1.95
C6N NAD C . 17.16 -7.50 -2.83
O5' ADN D . 18.00 -3.32 -6.98
C5' ADN D . 17.57 -3.79 -5.70
C4' ADN D . 18.04 -2.87 -4.61
O4' ADN D . 17.24 -1.68 -4.61
C3' ADN D . 17.91 -3.43 -3.19
O3' ADN D . 19.15 -4.01 -2.81
C2' ADN D . 17.60 -2.20 -2.32
O2' ADN D . 18.63 -1.86 -1.40
C1' ADN D . 17.34 -1.07 -3.33
N9 ADN D . 16.19 -0.21 -3.08
C8 ADN D . 14.94 -0.58 -2.62
N7 ADN D . 14.16 0.43 -2.34
C5 ADN D . 14.93 1.54 -2.62
C6 ADN D . 14.69 2.93 -2.52
N6 ADN D . 13.60 3.45 -1.95
N1 ADN D . 15.66 3.77 -2.95
C2 ADN D . 16.79 3.25 -3.45
N3 ADN D . 17.14 1.97 -3.56
C4 ADN D . 16.17 1.16 -3.11
CL CL E . 29.76 7.99 11.72
RB RB F . 30.79 -19.91 32.56
RB RB G . 2.98 -13.70 -29.95
C1 GOL H . -1.82 29.50 11.61
O1 GOL H . -2.29 30.75 11.99
C2 GOL H . -2.44 28.54 12.61
O2 GOL H . -2.20 28.89 13.92
C3 GOL H . -1.92 27.12 12.23
O3 GOL H . -3.08 26.36 12.11
PA NAD I . -18.57 -0.56 15.47
O1A NAD I . -19.87 -0.12 16.03
O2A NAD I . -18.52 -2.05 15.11
O5B NAD I . -17.27 -0.26 16.39
C5B NAD I . -16.92 1.03 16.90
C4B NAD I . -16.14 0.72 18.15
O4B NAD I . -15.51 1.91 18.66
C3B NAD I . -16.97 0.13 19.29
O3B NAD I . -16.36 -1.05 19.81
C2B NAD I . -17.01 1.27 20.31
O2B NAD I . -17.06 0.77 21.64
C1B NAD I . -15.67 1.95 20.05
N9A NAD I . -15.62 3.33 20.47
C8A NAD I . -16.64 4.25 20.41
N7A NAD I . -16.32 5.43 20.88
C5A NAD I . -15.00 5.28 21.27
C6A NAD I . -14.07 6.18 21.83
N6A NAD I . -14.35 7.44 22.14
N1A NAD I . -12.82 5.73 22.07
C2A NAD I . -12.53 4.45 21.80
N3A NAD I . -13.33 3.50 21.28
C4A NAD I . -14.55 4.00 21.03
O3 NAD I . -18.29 0.33 14.18
PN NAD I . -17.42 0.08 12.86
O1N NAD I . -16.10 -0.41 13.29
O2N NAD I . -18.24 -0.72 11.92
O5D NAD I . -17.36 1.58 12.31
C5D NAD I . -16.42 2.53 12.86
C4D NAD I . -16.38 3.74 11.95
O4D NAD I . -15.75 3.39 10.70
C3D NAD I . -17.74 4.34 11.58
O3D NAD I . -17.63 5.76 11.50
C2D NAD I . -18.00 3.74 10.20
O2D NAD I . -18.96 4.48 9.46
C1D NAD I . -16.58 3.80 9.65
N1N NAD I . -16.32 2.91 8.47
C2N NAD I . -15.39 3.35 7.60
C3N NAD I . -15.03 2.56 6.51
C7N NAD I . -13.99 3.06 5.54
O7N NAD I . -13.93 2.55 4.40
N7N NAD I . -13.27 4.10 5.88
C4N NAD I . -15.62 1.30 6.38
C5N NAD I . -16.57 0.88 7.29
C6N NAD I . -16.91 1.71 8.34
O5' ADN J . -18.28 6.06 4.41
C5' ADN J . -17.69 4.81 4.75
C4' ADN J . -18.15 3.72 3.81
O4' ADN J . -17.41 3.80 2.58
C3' ADN J . -17.91 2.30 4.33
O3' ADN J . -19.09 1.82 4.99
C2' ADN J . -17.65 1.48 3.04
O2' ADN J . -18.68 0.56 2.70
C1' ADN J . -17.49 2.55 1.95
N9 ADN J . -16.34 2.35 1.03
C8 ADN J . -15.09 1.91 1.34
N7 ADN J . -14.33 1.72 0.29
C5 ADN J . -15.14 2.04 -0.78
C6 ADN J . -14.95 1.99 -2.18
N6 ADN J . -13.86 1.50 -2.75
N1 ADN J . -15.98 2.38 -2.97
C2 ADN J . -17.11 2.80 -2.39
N3 ADN J . -17.41 2.87 -1.09
C4 ADN J . -16.39 2.47 -0.33
CL CL K . -29.39 -12.79 -7.47
RB RB L . -28.41 -34.98 19.87
#